data_4H5Q
#
_entry.id   4H5Q
#
_cell.length_a   108.640
_cell.length_b   108.640
_cell.length_c   261.290
_cell.angle_alpha   90.000
_cell.angle_beta   90.000
_cell.angle_gamma   120.000
#
_symmetry.space_group_name_H-M   'P 64 2 2'
#
loop_
_entity.id
_entity.type
_entity.pdbx_description
1 polymer 'Nucleocapsid protein'
2 polymer '30-mer poly(T) DNA'
3 water water
#
loop_
_entity_poly.entity_id
_entity_poly.type
_entity_poly.pdbx_seq_one_letter_code
_entity_poly.pdbx_strand_id
1 'polypeptide(L)'
;MDNYQELAIQFAAQAVDRNEIEQWVREFAYQGFDARRVIELLKQYGGADWEKDAKKMIVLALTRGNKPRRMMMKMSKEGK
ATVEALINKYKLKEGNPSRDELTLSRVAAALAGRTCQALVVLSEWLPVTGTTMDGLSPAYPRHMMHPSFAGMVDPSLPGD
YLRAILDAHSLYLLQFSRVINPNLRGRTKEEVAATFTQPMNAAVNSNFISHEKRREFLKAFGLVDSNGKPSAAVMAAAQA
YKTAA
;
A,B,C
2 'polydeoxyribonucleotide' (DT)(DT)(DT)(DT)(DT)(DT)(DT)(DT)(DT)(DT)(DT)(DT)(DT)(DT) D
#
# COMPACT_ATOMS: atom_id res chain seq x y z
N TYR A 4 41.67 -13.73 22.96
CA TYR A 4 41.93 -13.94 21.54
C TYR A 4 40.72 -13.41 20.72
N GLN A 5 39.81 -14.31 20.25
CA GLN A 5 38.63 -14.10 19.40
C GLN A 5 37.65 -12.99 19.91
N GLU A 6 37.78 -12.57 21.19
CA GLU A 6 36.97 -11.50 21.74
C GLU A 6 37.62 -10.13 21.39
N LEU A 7 38.57 -10.14 20.39
CA LEU A 7 39.27 -9.02 19.70
C LEU A 7 38.29 -8.21 18.85
N ALA A 8 37.01 -8.64 18.84
CA ALA A 8 35.87 -8.00 18.20
C ALA A 8 35.66 -6.62 18.87
N ILE A 9 36.30 -6.43 20.05
CA ILE A 9 36.36 -5.21 20.84
C ILE A 9 37.27 -4.22 20.07
N GLN A 10 38.44 -4.67 19.57
CA GLN A 10 39.37 -3.84 18.78
C GLN A 10 38.72 -3.39 17.48
N PHE A 11 37.90 -4.27 16.88
CA PHE A 11 37.14 -4.02 15.64
C PHE A 11 36.05 -2.96 15.90
N ALA A 12 35.41 -3.03 17.08
CA ALA A 12 34.38 -2.10 17.52
C ALA A 12 34.97 -0.74 17.91
N ALA A 13 36.19 -0.75 18.47
CA ALA A 13 36.95 0.39 18.97
C ALA A 13 37.26 1.43 17.88
N GLN A 14 37.47 0.98 16.62
CA GLN A 14 37.70 1.86 15.48
C GLN A 14 36.50 2.79 15.31
N ALA A 15 36.72 4.12 15.33
CA ALA A 15 35.66 5.12 15.16
C ALA A 15 35.03 4.98 13.76
N VAL A 16 33.69 5.13 13.68
CA VAL A 16 32.95 4.95 12.44
C VAL A 16 33.21 6.14 11.52
N ASP A 17 33.34 5.86 10.20
CA ASP A 17 33.56 6.88 9.17
C ASP A 17 32.29 7.06 8.36
N ARG A 18 31.63 8.22 8.53
CA ARG A 18 30.40 8.60 7.85
C ARG A 18 30.55 8.52 6.34
N ASN A 19 31.68 9.00 5.78
CA ASN A 19 31.90 9.01 4.33
C ASN A 19 32.22 7.62 3.78
N GLU A 20 32.98 6.78 4.53
CA GLU A 20 33.34 5.42 4.12
C GLU A 20 32.09 4.56 3.99
N ILE A 21 31.18 4.66 4.99
CA ILE A 21 29.90 3.94 5.10
C ILE A 21 28.91 4.46 4.05
N GLU A 22 28.93 5.79 3.79
CA GLU A 22 28.04 6.39 2.81
C GLU A 22 28.41 5.99 1.38
N GLN A 23 29.71 5.70 1.11
CA GLN A 23 30.20 5.20 -0.18
C GLN A 23 29.67 3.79 -0.41
N TRP A 24 29.72 2.97 0.63
CA TRP A 24 29.28 1.57 0.61
C TRP A 24 27.76 1.44 0.48
N VAL A 25 26.97 2.21 1.25
CA VAL A 25 25.51 2.19 1.17
C VAL A 25 25.06 2.60 -0.26
N ARG A 26 25.83 3.56 -0.88
CA ARG A 26 25.63 4.08 -2.23
C ARG A 26 25.91 2.98 -3.29
N GLU A 27 27.02 2.24 -3.13
CA GLU A 27 27.49 1.14 -3.97
C GLU A 27 26.60 -0.11 -3.92
N PHE A 28 26.02 -0.44 -2.75
CA PHE A 28 25.19 -1.63 -2.53
C PHE A 28 23.69 -1.36 -2.63
N ALA A 29 23.29 -0.08 -2.82
CA ALA A 29 21.91 0.39 -2.88
C ALA A 29 21.03 -0.40 -3.80
N TYR A 30 19.74 -0.50 -3.45
CA TYR A 30 18.73 -1.16 -4.24
C TYR A 30 18.56 -0.37 -5.51
N GLN A 31 18.78 -1.00 -6.68
CA GLN A 31 18.62 -0.29 -7.94
C GLN A 31 17.40 -0.82 -8.65
N GLY A 32 16.30 -0.10 -8.49
CA GLY A 32 15.02 -0.45 -9.09
C GLY A 32 14.52 0.54 -10.11
N PHE A 33 13.67 1.45 -9.65
CA PHE A 33 13.02 2.44 -10.49
C PHE A 33 13.97 3.62 -10.77
N ASP A 34 14.31 3.88 -12.08
CA ASP A 34 15.13 5.04 -12.43
C ASP A 34 14.31 6.06 -13.22
N ALA A 35 13.78 7.06 -12.49
CA ALA A 35 12.94 8.13 -13.01
C ALA A 35 13.64 8.92 -14.13
N ARG A 36 14.98 9.12 -13.98
CA ARG A 36 15.84 9.78 -14.96
C ARG A 36 15.87 8.99 -16.27
N ARG A 37 15.96 7.64 -16.19
CA ARG A 37 15.96 6.78 -17.37
C ARG A 37 14.58 6.80 -18.06
N VAL A 38 13.50 6.81 -17.28
CA VAL A 38 12.13 6.85 -17.78
C VAL A 38 11.95 8.13 -18.63
N ILE A 39 12.34 9.31 -18.09
CA ILE A 39 12.21 10.59 -18.79
C ILE A 39 13.08 10.58 -20.06
N GLU A 40 14.29 10.00 -19.97
CA GLU A 40 15.23 9.85 -21.08
C GLU A 40 14.57 9.03 -22.21
N LEU A 41 13.84 7.95 -21.86
CA LEU A 41 13.14 7.07 -22.80
C LEU A 41 11.90 7.75 -23.42
N LEU A 42 11.13 8.53 -22.63
CA LEU A 42 9.94 9.25 -23.12
C LEU A 42 10.34 10.25 -24.18
N LYS A 43 11.39 11.06 -23.89
CA LYS A 43 11.96 12.06 -24.79
C LYS A 43 12.44 11.40 -26.08
N GLN A 44 13.09 10.22 -25.95
CA GLN A 44 13.67 9.42 -27.02
C GLN A 44 12.63 8.85 -28.00
N TYR A 45 11.53 8.29 -27.48
CA TYR A 45 10.47 7.72 -28.31
C TYR A 45 9.43 8.75 -28.78
N GLY A 46 9.10 9.70 -27.92
CA GLY A 46 8.06 10.68 -28.20
C GLY A 46 8.45 11.94 -28.94
N GLY A 47 9.70 12.34 -28.77
CA GLY A 47 10.22 13.55 -29.36
C GLY A 47 9.54 14.76 -28.75
N ALA A 48 9.04 15.65 -29.60
CA ALA A 48 8.41 16.89 -29.19
C ALA A 48 7.05 16.66 -28.52
N ASP A 49 6.41 15.52 -28.81
CA ASP A 49 5.08 15.16 -28.29
C ASP A 49 5.15 14.43 -26.95
N TRP A 50 6.35 14.15 -26.42
CA TRP A 50 6.54 13.36 -25.19
C TRP A 50 5.74 13.88 -23.99
N GLU A 51 5.63 15.22 -23.80
CA GLU A 51 4.92 15.81 -22.67
C GLU A 51 3.42 15.57 -22.76
N LYS A 52 2.81 15.82 -23.92
CA LYS A 52 1.36 15.64 -24.10
C LYS A 52 0.99 14.14 -23.98
N ASP A 53 1.84 13.25 -24.54
CA ASP A 53 1.62 11.81 -24.47
C ASP A 53 1.80 11.32 -23.02
N ALA A 54 2.75 11.91 -22.28
CA ALA A 54 3.01 11.57 -20.88
C ALA A 54 1.80 11.93 -20.02
N LYS A 55 1.16 13.10 -20.27
CA LYS A 55 -0.05 13.56 -19.59
C LYS A 55 -1.17 12.53 -19.84
N LYS A 56 -1.35 12.09 -21.11
CA LYS A 56 -2.32 11.06 -21.51
C LYS A 56 -2.09 9.76 -20.74
N MET A 57 -0.83 9.28 -20.70
CA MET A 57 -0.39 8.07 -19.99
C MET A 57 -0.61 8.20 -18.47
N ILE A 58 -0.50 9.42 -17.87
CA ILE A 58 -0.75 9.64 -16.44
C ILE A 58 -2.24 9.40 -16.15
N VAL A 59 -3.16 10.01 -16.96
CA VAL A 59 -4.62 9.82 -16.89
C VAL A 59 -4.95 8.32 -17.07
N LEU A 60 -4.30 7.69 -18.03
CA LEU A 60 -4.47 6.30 -18.37
C LEU A 60 -4.06 5.38 -17.20
N ALA A 61 -2.93 5.69 -16.53
CA ALA A 61 -2.45 4.87 -15.40
C ALA A 61 -3.33 5.05 -14.19
N LEU A 62 -3.61 6.31 -13.83
CA LEU A 62 -4.38 6.67 -12.64
C LEU A 62 -5.84 6.15 -12.66
N THR A 63 -6.50 6.18 -13.84
CA THR A 63 -7.91 5.78 -13.94
C THR A 63 -8.14 4.37 -14.55
N ARG A 64 -7.16 3.80 -15.28
CA ARG A 64 -7.36 2.50 -15.93
C ARG A 64 -6.37 1.39 -15.51
N GLY A 65 -5.22 1.76 -14.92
CA GLY A 65 -4.23 0.79 -14.47
C GLY A 65 -2.93 0.72 -15.26
N ASN A 66 -2.26 -0.45 -15.18
CA ASN A 66 -0.95 -0.69 -15.77
C ASN A 66 -0.94 -1.75 -16.90
N LYS A 67 -2.13 -2.26 -17.32
CA LYS A 67 -2.24 -3.28 -18.36
C LYS A 67 -2.84 -2.65 -19.66
N PRO A 68 -1.97 -2.03 -20.51
CA PRO A 68 -2.47 -1.29 -21.68
C PRO A 68 -3.25 -2.10 -22.71
N ARG A 69 -2.82 -3.35 -23.03
CA ARG A 69 -3.54 -4.17 -24.02
C ARG A 69 -4.88 -4.66 -23.48
N ARG A 70 -4.96 -4.88 -22.16
CA ARG A 70 -6.18 -5.31 -21.48
C ARG A 70 -7.22 -4.17 -21.46
N MET A 71 -6.83 -2.95 -21.03
CA MET A 71 -7.73 -1.78 -20.93
C MET A 71 -8.31 -1.39 -22.28
N MET A 72 -7.53 -1.60 -23.36
CA MET A 72 -7.85 -1.31 -24.76
C MET A 72 -9.14 -1.98 -25.24
N MET A 73 -9.43 -3.16 -24.67
CA MET A 73 -10.56 -4.00 -25.01
C MET A 73 -11.90 -3.50 -24.45
N LYS A 74 -11.89 -2.74 -23.35
CA LYS A 74 -13.10 -2.17 -22.76
C LYS A 74 -12.92 -0.65 -22.73
N MET A 75 -12.89 -0.05 -23.93
CA MET A 75 -12.66 1.36 -24.21
C MET A 75 -13.33 1.78 -25.52
N SER A 76 -13.57 3.10 -25.71
CA SER A 76 -14.16 3.68 -26.92
C SER A 76 -13.23 3.51 -28.14
N LYS A 77 -13.78 3.68 -29.36
CA LYS A 77 -13.05 3.58 -30.63
C LYS A 77 -11.82 4.52 -30.63
N GLU A 78 -12.03 5.80 -30.24
CA GLU A 78 -11.02 6.87 -30.19
C GLU A 78 -9.92 6.56 -29.17
N GLY A 79 -10.33 6.16 -27.96
CA GLY A 79 -9.42 5.81 -26.88
C GLY A 79 -8.52 4.64 -27.25
N LYS A 80 -9.11 3.52 -27.73
CA LYS A 80 -8.40 2.30 -28.17
C LYS A 80 -7.32 2.65 -29.20
N ALA A 81 -7.67 3.54 -30.15
CA ALA A 81 -6.79 4.04 -31.19
C ALA A 81 -5.63 4.82 -30.62
N THR A 82 -5.85 5.61 -29.54
CA THR A 82 -4.82 6.42 -28.88
C THR A 82 -3.88 5.50 -28.10
N VAL A 83 -4.45 4.53 -27.32
CA VAL A 83 -3.71 3.57 -26.50
C VAL A 83 -2.82 2.69 -27.41
N GLU A 84 -3.35 2.23 -28.56
CA GLU A 84 -2.59 1.41 -29.49
C GLU A 84 -1.39 2.17 -30.06
N ALA A 85 -1.59 3.46 -30.38
CA ALA A 85 -0.54 4.35 -30.87
C ALA A 85 0.55 4.57 -29.80
N LEU A 86 0.14 4.74 -28.51
CA LEU A 86 1.04 4.93 -27.38
C LEU A 86 1.84 3.67 -27.09
N ILE A 87 1.19 2.48 -27.17
CA ILE A 87 1.84 1.17 -26.97
C ILE A 87 2.96 1.02 -27.98
N ASN A 88 2.68 1.33 -29.25
CA ASN A 88 3.65 1.18 -30.34
C ASN A 88 4.74 2.27 -30.35
N LYS A 89 4.43 3.52 -29.98
CA LYS A 89 5.46 4.57 -29.96
C LYS A 89 6.44 4.39 -28.80
N TYR A 90 5.92 4.15 -27.59
CA TYR A 90 6.69 4.05 -26.35
C TYR A 90 7.04 2.61 -25.93
N LYS A 91 6.69 1.63 -26.78
CA LYS A 91 6.96 0.19 -26.57
C LYS A 91 6.55 -0.21 -25.11
N LEU A 92 5.31 0.17 -24.73
CA LEU A 92 4.76 -0.05 -23.40
C LEU A 92 4.60 -1.51 -23.04
N LYS A 93 4.82 -1.83 -21.76
CA LYS A 93 4.70 -3.17 -21.21
C LYS A 93 3.73 -3.17 -20.01
N GLU A 94 3.40 -4.37 -19.52
CA GLU A 94 2.58 -4.55 -18.32
C GLU A 94 3.50 -5.08 -17.21
N GLY A 95 3.06 -4.95 -15.97
CA GLY A 95 3.79 -5.45 -14.82
C GLY A 95 5.10 -4.76 -14.49
N ASN A 96 6.13 -5.58 -14.15
CA ASN A 96 7.46 -5.11 -13.76
C ASN A 96 8.54 -5.68 -14.72
N PRO A 97 8.76 -5.05 -15.91
CA PRO A 97 9.80 -5.55 -16.83
C PRO A 97 11.21 -5.05 -16.44
N SER A 98 12.18 -5.11 -17.39
CA SER A 98 13.56 -4.65 -17.19
C SER A 98 13.64 -3.12 -16.99
N ARG A 99 14.76 -2.63 -16.43
CA ARG A 99 15.04 -1.22 -16.10
C ARG A 99 14.85 -0.23 -17.28
N ASP A 100 15.21 -0.65 -18.51
CA ASP A 100 15.12 0.17 -19.73
C ASP A 100 13.75 -0.03 -20.46
N GLU A 101 12.71 -0.51 -19.73
CA GLU A 101 11.37 -0.71 -20.30
C GLU A 101 10.32 0.21 -19.64
N LEU A 102 9.43 0.80 -20.45
CA LEU A 102 8.39 1.72 -19.97
C LEU A 102 7.06 1.01 -19.70
N THR A 103 6.40 1.43 -18.60
CA THR A 103 5.05 1.02 -18.19
C THR A 103 4.31 2.26 -17.77
N LEU A 104 2.97 2.25 -17.86
CA LEU A 104 2.14 3.38 -17.46
C LEU A 104 2.46 3.82 -16.01
N SER A 105 2.74 2.84 -15.10
CA SER A 105 3.10 3.07 -13.69
C SER A 105 4.36 3.90 -13.56
N ARG A 106 5.43 3.46 -14.26
CA ARG A 106 6.74 4.10 -14.26
C ARG A 106 6.67 5.55 -14.77
N VAL A 107 5.85 5.81 -15.81
CA VAL A 107 5.64 7.14 -16.38
C VAL A 107 5.03 8.04 -15.29
N ALA A 108 3.94 7.58 -14.64
CA ALA A 108 3.26 8.32 -13.55
C ALA A 108 4.19 8.56 -12.35
N ALA A 109 5.07 7.59 -12.07
CA ALA A 109 5.96 7.64 -10.94
C ALA A 109 7.13 8.59 -11.16
N ALA A 110 7.69 8.63 -12.39
CA ALA A 110 8.83 9.50 -12.72
C ALA A 110 8.44 10.96 -12.83
N LEU A 111 7.15 11.19 -13.15
CA LEU A 111 6.59 12.51 -13.35
C LEU A 111 5.59 12.84 -12.23
N ALA A 112 5.98 12.51 -10.99
CA ALA A 112 5.18 12.68 -9.78
C ALA A 112 4.57 14.08 -9.63
N GLY A 113 5.30 15.14 -10.01
CA GLY A 113 4.86 16.53 -9.94
C GLY A 113 3.61 16.79 -10.76
N ARG A 114 3.55 16.19 -11.97
CA ARG A 114 2.46 16.25 -12.94
C ARG A 114 1.28 15.35 -12.55
N THR A 115 1.59 14.15 -12.02
CA THR A 115 0.64 13.13 -11.58
C THR A 115 -0.18 13.68 -10.43
N CYS A 116 0.49 14.19 -9.40
CA CYS A 116 -0.14 14.70 -8.19
C CYS A 116 -1.01 15.92 -8.44
N GLN A 117 -0.68 16.72 -9.46
CA GLN A 117 -1.47 17.89 -9.84
C GLN A 117 -2.79 17.45 -10.54
N ALA A 118 -2.75 16.33 -11.29
CA ALA A 118 -3.87 15.80 -12.05
C ALA A 118 -4.98 15.20 -11.13
N LEU A 119 -4.58 14.75 -9.90
CA LEU A 119 -5.48 14.13 -8.92
C LEU A 119 -6.63 15.06 -8.54
N VAL A 120 -6.43 16.35 -8.55
CA VAL A 120 -7.52 17.24 -8.19
C VAL A 120 -8.72 17.03 -9.18
N VAL A 121 -8.43 16.98 -10.49
CA VAL A 121 -9.41 16.80 -11.56
C VAL A 121 -9.90 15.33 -11.62
N LEU A 122 -8.96 14.38 -11.52
CA LEU A 122 -9.24 12.95 -11.67
C LEU A 122 -9.85 12.26 -10.43
N SER A 123 -9.85 12.93 -9.27
CA SER A 123 -10.34 12.50 -7.95
C SER A 123 -11.50 11.49 -7.96
N GLU A 124 -12.59 11.75 -8.71
CA GLU A 124 -13.76 10.85 -8.68
C GLU A 124 -13.68 9.71 -9.70
N TRP A 125 -12.55 9.58 -10.43
CA TRP A 125 -12.31 8.52 -11.42
C TRP A 125 -11.32 7.45 -10.88
N LEU A 126 -10.73 7.69 -9.70
CA LEU A 126 -9.72 6.82 -9.05
C LEU A 126 -10.33 5.57 -8.35
N PRO A 127 -9.54 4.46 -8.12
CA PRO A 127 -10.07 3.30 -7.37
C PRO A 127 -10.65 3.71 -6.00
N VAL A 128 -9.94 4.60 -5.26
CA VAL A 128 -10.39 5.20 -4.01
C VAL A 128 -10.62 6.69 -4.34
N THR A 129 -11.89 7.15 -4.38
CA THR A 129 -12.26 8.53 -4.75
C THR A 129 -11.98 9.51 -3.59
N GLY A 130 -11.96 10.80 -3.93
CA GLY A 130 -11.77 11.89 -2.99
C GLY A 130 -12.90 11.94 -1.99
N THR A 131 -14.14 11.67 -2.47
CA THR A 131 -15.36 11.57 -1.68
C THR A 131 -15.21 10.49 -0.61
N THR A 132 -14.70 9.30 -0.99
CA THR A 132 -14.47 8.17 -0.08
C THR A 132 -13.47 8.59 1.02
N MET A 133 -12.36 9.25 0.62
CA MET A 133 -11.34 9.74 1.54
C MET A 133 -11.88 10.79 2.53
N ASP A 134 -12.78 11.68 2.03
CA ASP A 134 -13.44 12.75 2.82
C ASP A 134 -14.30 12.17 3.95
N GLY A 135 -14.77 10.93 3.76
CA GLY A 135 -15.51 10.15 4.75
C GLY A 135 -14.63 9.68 5.89
N LEU A 136 -13.32 9.51 5.63
CA LEU A 136 -12.32 9.09 6.61
C LEU A 136 -11.70 10.30 7.33
N SER A 137 -11.42 11.37 6.58
CA SER A 137 -10.85 12.62 7.08
C SER A 137 -11.38 13.78 6.24
N PRO A 138 -12.04 14.80 6.85
CA PRO A 138 -12.57 15.92 6.05
C PRO A 138 -11.54 16.62 5.15
N ALA A 139 -11.99 17.03 3.95
CA ALA A 139 -11.22 17.70 2.91
C ALA A 139 -9.84 17.07 2.74
N TYR A 140 -9.82 15.72 2.56
CA TYR A 140 -8.57 14.97 2.41
C TYR A 140 -7.72 15.56 1.27
N PRO A 141 -6.39 15.80 1.48
CA PRO A 141 -5.55 16.39 0.39
C PRO A 141 -5.45 15.52 -0.87
N ARG A 142 -6.10 15.97 -1.97
CA ARG A 142 -6.14 15.24 -3.25
C ARG A 142 -4.77 14.99 -3.86
N HIS A 143 -3.79 15.89 -3.61
CA HIS A 143 -2.42 15.77 -4.14
C HIS A 143 -1.67 14.58 -3.56
N MET A 144 -2.15 14.01 -2.44
CA MET A 144 -1.55 12.87 -1.74
C MET A 144 -2.09 11.52 -2.21
N MET A 145 -3.14 11.54 -3.04
CA MET A 145 -3.88 10.35 -3.48
C MET A 145 -3.23 9.59 -4.66
N HIS A 146 -1.93 9.28 -4.52
CA HIS A 146 -1.17 8.45 -5.45
C HIS A 146 0.14 8.04 -4.79
N PRO A 147 0.58 6.76 -4.95
CA PRO A 147 1.84 6.34 -4.35
C PRO A 147 3.04 7.23 -4.75
N SER A 148 3.02 7.82 -5.97
CA SER A 148 4.10 8.68 -6.49
C SER A 148 4.27 10.01 -5.68
N PHE A 149 3.29 10.34 -4.79
CA PHE A 149 3.35 11.49 -3.89
C PHE A 149 4.60 11.41 -2.99
N ALA A 150 5.01 10.17 -2.57
CA ALA A 150 6.18 9.89 -1.71
C ALA A 150 7.44 10.50 -2.29
N GLY A 151 7.51 10.62 -3.61
CA GLY A 151 8.61 11.28 -4.30
C GLY A 151 8.61 12.79 -4.16
N MET A 152 7.53 13.38 -3.61
CA MET A 152 7.37 14.83 -3.40
C MET A 152 7.68 15.25 -1.94
N VAL A 153 7.80 14.29 -1.03
CA VAL A 153 8.06 14.50 0.38
C VAL A 153 9.53 14.92 0.63
N ASP A 154 9.74 16.12 1.23
CA ASP A 154 11.08 16.60 1.62
C ASP A 154 11.51 15.87 2.91
N PRO A 155 12.55 14.99 2.86
CA PRO A 155 12.94 14.26 4.08
C PRO A 155 13.69 15.12 5.12
N SER A 156 14.15 16.34 4.75
CA SER A 156 14.86 17.26 5.66
C SER A 156 13.89 18.05 6.56
N LEU A 157 12.55 17.88 6.33
CA LEU A 157 11.47 18.50 7.10
C LEU A 157 11.56 18.10 8.59
N PRO A 158 11.19 18.98 9.57
CA PRO A 158 11.22 18.55 10.98
C PRO A 158 10.41 17.27 11.16
N GLY A 159 10.97 16.30 11.89
CA GLY A 159 10.41 14.98 12.12
C GLY A 159 8.93 14.90 12.36
N ASP A 160 8.41 15.79 13.21
CA ASP A 160 6.99 15.82 13.53
C ASP A 160 6.16 16.24 12.32
N TYR A 161 6.65 17.24 11.55
CA TYR A 161 6.00 17.72 10.30
C TYR A 161 6.07 16.63 9.21
N LEU A 162 7.24 15.99 9.07
CA LEU A 162 7.52 14.91 8.12
C LEU A 162 6.61 13.71 8.39
N ARG A 163 6.56 13.26 9.66
CA ARG A 163 5.71 12.14 10.06
C ARG A 163 4.22 12.46 9.80
N ALA A 164 3.83 13.74 9.93
CA ALA A 164 2.46 14.19 9.73
C ALA A 164 2.03 13.98 8.27
N ILE A 165 2.87 14.44 7.31
CA ILE A 165 2.71 14.29 5.86
C ILE A 165 2.59 12.80 5.48
N LEU A 166 3.50 11.96 6.00
CA LEU A 166 3.55 10.53 5.69
C LEU A 166 2.39 9.77 6.31
N ASP A 167 1.92 10.15 7.53
CA ASP A 167 0.73 9.55 8.16
C ASP A 167 -0.56 9.97 7.41
N ALA A 168 -0.59 11.23 6.95
CA ALA A 168 -1.67 11.75 6.13
C ALA A 168 -1.72 11.01 4.78
N HIS A 169 -0.56 10.72 4.14
CA HIS A 169 -0.45 9.97 2.88
C HIS A 169 -0.76 8.48 3.09
N SER A 170 -0.29 7.90 4.23
CA SER A 170 -0.50 6.50 4.59
C SER A 170 -1.97 6.17 4.78
N LEU A 171 -2.84 7.16 5.16
CA LEU A 171 -4.29 6.96 5.28
C LEU A 171 -4.84 6.52 3.92
N TYR A 172 -4.39 7.18 2.84
CA TYR A 172 -4.74 6.86 1.47
C TYR A 172 -4.15 5.49 1.06
N LEU A 173 -2.82 5.28 1.30
CA LEU A 173 -2.09 4.06 0.92
C LEU A 173 -2.75 2.84 1.51
N LEU A 174 -3.22 2.94 2.77
CA LEU A 174 -3.93 1.87 3.48
C LEU A 174 -5.18 1.43 2.68
N GLN A 175 -5.99 2.38 2.19
CA GLN A 175 -7.19 2.15 1.40
C GLN A 175 -6.85 1.60 0.03
N PHE A 176 -5.96 2.29 -0.68
CA PHE A 176 -5.50 1.96 -2.03
C PHE A 176 -4.88 0.55 -2.12
N SER A 177 -3.93 0.22 -1.17
CA SER A 177 -3.18 -1.06 -1.10
C SER A 177 -4.09 -2.23 -0.82
N ARG A 178 -5.07 -2.05 0.06
CA ARG A 178 -6.06 -3.08 0.38
C ARG A 178 -6.95 -3.37 -0.84
N VAL A 179 -7.07 -2.38 -1.73
CA VAL A 179 -7.93 -2.40 -2.91
C VAL A 179 -7.18 -2.89 -4.20
N ILE A 180 -5.93 -2.46 -4.43
CA ILE A 180 -5.32 -2.87 -5.69
C ILE A 180 -4.35 -4.05 -5.52
N ASN A 181 -3.82 -4.30 -4.30
CA ASN A 181 -2.93 -5.46 -4.05
C ASN A 181 -3.79 -6.68 -3.61
N PRO A 182 -3.94 -7.71 -4.45
CA PRO A 182 -4.79 -8.86 -4.07
C PRO A 182 -4.41 -9.53 -2.76
N ASN A 183 -3.09 -9.49 -2.41
CA ASN A 183 -2.55 -10.07 -1.17
C ASN A 183 -2.92 -9.28 0.06
N LEU A 184 -3.38 -8.03 -0.11
CA LEU A 184 -3.69 -7.17 1.04
C LEU A 184 -5.18 -6.95 1.30
N ARG A 185 -6.05 -7.58 0.48
CA ARG A 185 -7.51 -7.49 0.60
C ARG A 185 -7.94 -7.94 2.00
N GLY A 186 -8.51 -7.00 2.75
CA GLY A 186 -9.00 -7.20 4.11
C GLY A 186 -7.98 -7.47 5.20
N ARG A 187 -6.69 -7.28 4.94
CA ARG A 187 -5.67 -7.52 5.96
C ARG A 187 -5.59 -6.33 6.94
N THR A 188 -4.97 -6.52 8.13
CA THR A 188 -4.84 -5.50 9.19
C THR A 188 -4.04 -4.28 8.72
N LYS A 189 -4.17 -3.15 9.45
CA LYS A 189 -3.48 -1.88 9.17
C LYS A 189 -1.96 -2.11 9.21
N GLU A 190 -1.48 -2.79 10.25
CA GLU A 190 -0.08 -3.10 10.57
C GLU A 190 0.56 -3.93 9.46
N GLU A 191 -0.22 -4.85 8.85
CA GLU A 191 0.20 -5.70 7.75
C GLU A 191 0.35 -4.86 6.46
N VAL A 192 -0.64 -3.99 6.17
CA VAL A 192 -0.66 -3.17 4.97
C VAL A 192 0.51 -2.17 5.04
N ALA A 193 0.70 -1.54 6.19
CA ALA A 193 1.79 -0.60 6.41
C ALA A 193 3.17 -1.30 6.34
N ALA A 194 3.29 -2.59 6.75
CA ALA A 194 4.55 -3.34 6.66
C ALA A 194 4.92 -3.66 5.20
N THR A 195 3.92 -3.78 4.32
CA THR A 195 4.22 -4.07 2.91
C THR A 195 4.42 -2.77 2.12
N PHE A 196 3.82 -1.59 2.54
CA PHE A 196 3.99 -0.37 1.75
C PHE A 196 5.01 0.63 2.30
N THR A 197 5.54 0.47 3.53
CA THR A 197 6.47 1.47 4.07
C THR A 197 7.87 1.45 3.43
N GLN A 198 8.46 0.28 3.16
CA GLN A 198 9.80 0.16 2.54
C GLN A 198 9.84 0.83 1.14
N PRO A 199 8.91 0.54 0.18
CA PRO A 199 8.95 1.27 -1.09
C PRO A 199 8.65 2.78 -0.95
N MET A 200 7.78 3.17 0.01
CA MET A 200 7.41 4.57 0.27
C MET A 200 8.63 5.36 0.76
N ASN A 201 9.32 4.80 1.78
CA ASN A 201 10.50 5.41 2.40
C ASN A 201 11.68 5.46 1.45
N ALA A 202 11.74 4.57 0.46
CA ALA A 202 12.80 4.61 -0.56
C ALA A 202 12.62 5.84 -1.46
N ALA A 203 11.36 6.14 -1.85
CA ALA A 203 10.98 7.29 -2.69
C ALA A 203 11.16 8.61 -1.93
N VAL A 204 10.93 8.61 -0.60
CA VAL A 204 11.09 9.77 0.27
C VAL A 204 12.57 10.13 0.39
N ASN A 205 13.45 9.09 0.45
CA ASN A 205 14.89 9.29 0.60
C ASN A 205 15.72 9.06 -0.71
N SER A 206 15.07 9.18 -1.89
CA SER A 206 15.75 9.02 -3.19
C SER A 206 16.47 10.32 -3.58
N ASN A 207 17.42 10.23 -4.53
CA ASN A 207 18.18 11.40 -4.98
C ASN A 207 17.42 12.19 -6.08
N PHE A 208 16.26 11.67 -6.56
CA PHE A 208 15.51 12.36 -7.62
C PHE A 208 14.65 13.45 -7.01
N ILE A 209 14.89 14.70 -7.45
CA ILE A 209 14.28 15.97 -7.03
C ILE A 209 14.94 16.35 -5.70
N SER A 210 15.59 17.52 -5.67
CA SER A 210 16.28 17.98 -4.45
C SER A 210 15.27 18.37 -3.37
N HIS A 211 15.70 18.35 -2.09
CA HIS A 211 14.90 18.69 -0.90
C HIS A 211 14.16 20.01 -1.07
N GLU A 212 14.88 21.03 -1.59
CA GLU A 212 14.42 22.39 -1.85
C GLU A 212 13.23 22.37 -2.83
N LYS A 213 13.37 21.68 -4.00
CA LYS A 213 12.32 21.52 -5.03
C LYS A 213 11.10 20.78 -4.46
N ARG A 214 11.35 19.67 -3.69
CA ARG A 214 10.31 18.85 -3.03
C ARG A 214 9.45 19.70 -2.09
N ARG A 215 10.11 20.56 -1.25
CA ARG A 215 9.38 21.42 -0.33
C ARG A 215 8.63 22.52 -1.10
N GLU A 216 9.21 23.01 -2.23
CA GLU A 216 8.57 24.00 -3.09
C GLU A 216 7.24 23.43 -3.63
N PHE A 217 7.21 22.12 -4.01
CA PHE A 217 6.01 21.42 -4.48
C PHE A 217 4.98 21.30 -3.38
N LEU A 218 5.40 20.87 -2.15
CA LEU A 218 4.51 20.73 -0.99
C LEU A 218 3.87 22.08 -0.65
N LYS A 219 4.66 23.18 -0.76
CA LYS A 219 4.18 24.55 -0.54
C LYS A 219 3.15 24.93 -1.60
N ALA A 220 3.45 24.65 -2.89
CA ALA A 220 2.61 24.95 -4.05
C ALA A 220 1.28 24.20 -4.00
N PHE A 221 1.28 22.91 -3.62
CA PHE A 221 0.10 22.08 -3.46
C PHE A 221 -0.72 22.48 -2.20
N GLY A 222 -0.19 23.44 -1.42
CA GLY A 222 -0.79 23.94 -0.20
C GLY A 222 -0.78 22.97 0.95
N LEU A 223 0.16 22.00 0.94
CA LEU A 223 0.29 20.95 1.94
C LEU A 223 1.09 21.41 3.17
N VAL A 224 2.03 22.37 2.99
CA VAL A 224 2.84 22.93 4.07
C VAL A 224 2.86 24.45 3.94
N ASP A 225 3.26 25.13 5.03
CA ASP A 225 3.39 26.57 5.04
C ASP A 225 4.85 26.95 4.72
N SER A 226 5.18 28.24 4.87
CA SER A 226 6.50 28.83 4.63
C SER A 226 7.64 28.12 5.37
N ASN A 227 7.36 27.55 6.57
CA ASN A 227 8.37 26.88 7.41
C ASN A 227 8.23 25.33 7.39
N GLY A 228 7.31 24.82 6.56
CA GLY A 228 7.08 23.40 6.43
C GLY A 228 6.02 22.81 7.35
N LYS A 229 5.25 23.67 8.07
CA LYS A 229 4.19 23.23 8.99
C LYS A 229 3.02 22.72 8.15
N PRO A 230 2.60 21.44 8.33
CA PRO A 230 1.49 20.92 7.51
C PRO A 230 0.17 21.66 7.75
N SER A 231 -0.71 21.64 6.74
CA SER A 231 -2.04 22.26 6.75
C SER A 231 -2.96 21.51 7.69
N ALA A 232 -4.09 22.14 8.05
CA ALA A 232 -5.13 21.60 8.91
C ALA A 232 -5.67 20.26 8.36
N ALA A 233 -5.83 20.14 7.01
CA ALA A 233 -6.32 18.93 6.35
C ALA A 233 -5.34 17.76 6.52
N VAL A 234 -4.01 18.04 6.41
CA VAL A 234 -2.93 17.06 6.58
C VAL A 234 -2.92 16.62 8.06
N MET A 235 -3.02 17.59 8.99
CA MET A 235 -3.06 17.33 10.42
C MET A 235 -4.23 16.44 10.79
N ALA A 236 -5.42 16.72 10.20
CA ALA A 236 -6.64 15.97 10.42
C ALA A 236 -6.47 14.55 9.92
N ALA A 237 -5.89 14.39 8.69
CA ALA A 237 -5.64 13.10 8.05
C ALA A 237 -4.61 12.28 8.81
N ALA A 238 -3.54 12.93 9.31
CA ALA A 238 -2.48 12.30 10.10
C ALA A 238 -3.05 11.65 11.37
N GLN A 239 -4.04 12.31 12.00
CA GLN A 239 -4.73 11.83 13.19
C GLN A 239 -5.65 10.69 12.83
N ALA A 240 -6.39 10.82 11.70
CA ALA A 240 -7.33 9.81 11.18
C ALA A 240 -6.62 8.50 10.95
N TYR A 241 -5.34 8.54 10.49
CA TYR A 241 -4.49 7.38 10.29
C TYR A 241 -4.11 6.70 11.60
N LYS A 242 -3.91 7.48 12.69
CA LYS A 242 -3.51 6.96 14.00
C LYS A 242 -4.61 6.11 14.62
N THR A 243 -5.88 6.46 14.37
CA THR A 243 -7.06 5.74 14.88
C THR A 243 -7.70 4.86 13.80
N ALA A 244 -7.10 4.81 12.59
CA ALA A 244 -7.61 4.03 11.45
C ALA A 244 -7.54 2.55 11.69
N ALA A 245 -8.48 1.82 11.07
CA ALA A 245 -8.60 0.38 11.13
C ALA A 245 -8.10 -0.26 9.81
N ASN B 3 14.51 31.88 -8.42
CA ASN B 3 13.46 32.90 -8.55
C ASN B 3 12.53 32.61 -9.75
N TYR B 4 13.03 31.91 -10.80
CA TYR B 4 12.26 31.46 -11.97
C TYR B 4 11.83 30.01 -11.74
N GLN B 5 12.71 29.22 -11.08
CA GLN B 5 12.49 27.82 -10.69
C GLN B 5 11.34 27.75 -9.65
N GLU B 6 11.17 28.83 -8.87
CA GLU B 6 10.12 28.99 -7.87
C GLU B 6 8.76 29.09 -8.59
N LEU B 7 8.64 30.00 -9.59
CA LEU B 7 7.45 30.26 -10.42
C LEU B 7 7.14 29.08 -11.35
N ALA B 8 8.16 28.23 -11.63
CA ALA B 8 8.12 27.04 -12.46
C ALA B 8 7.46 25.85 -11.72
N ILE B 9 7.82 25.63 -10.42
CA ILE B 9 7.26 24.58 -9.56
C ILE B 9 5.80 24.99 -9.20
N GLN B 10 5.58 26.32 -9.02
CA GLN B 10 4.30 26.98 -8.73
C GLN B 10 3.32 26.78 -9.89
N PHE B 11 3.78 26.98 -11.16
CA PHE B 11 3.00 26.81 -12.39
C PHE B 11 2.72 25.31 -12.69
N ALA B 12 3.73 24.43 -12.52
CA ALA B 12 3.61 22.98 -12.74
C ALA B 12 2.78 22.29 -11.64
N ALA B 13 2.42 23.00 -10.54
CA ALA B 13 1.63 22.44 -9.44
C ALA B 13 0.19 22.92 -9.40
N GLN B 14 -0.03 24.25 -9.57
CA GLN B 14 -1.32 24.95 -9.48
C GLN B 14 -2.08 25.02 -10.84
N ALA B 15 -1.36 25.32 -11.96
CA ALA B 15 -1.96 25.44 -13.30
C ALA B 15 -2.08 24.06 -14.01
N VAL B 16 -3.33 23.55 -14.00
CA VAL B 16 -3.75 22.26 -14.58
C VAL B 16 -4.82 22.53 -15.69
N ASP B 17 -4.62 21.91 -16.88
CA ASP B 17 -5.53 22.08 -18.01
C ASP B 17 -6.71 21.14 -17.80
N ARG B 18 -7.63 21.60 -16.94
CA ARG B 18 -8.83 20.92 -16.52
C ARG B 18 -9.62 20.33 -17.70
N ASN B 19 -9.74 21.07 -18.81
CA ASN B 19 -10.50 20.62 -19.97
C ASN B 19 -9.79 19.55 -20.79
N GLU B 20 -8.46 19.66 -20.98
CA GLU B 20 -7.63 18.70 -21.71
C GLU B 20 -7.69 17.33 -21.02
N ILE B 21 -7.55 17.33 -19.67
CA ILE B 21 -7.55 16.16 -18.80
C ILE B 21 -8.94 15.55 -18.76
N GLU B 22 -9.99 16.39 -18.72
CA GLU B 22 -11.37 15.93 -18.67
C GLU B 22 -11.79 15.24 -19.97
N GLN B 23 -11.25 15.69 -21.13
CA GLN B 23 -11.49 15.10 -22.45
C GLN B 23 -10.86 13.73 -22.50
N TRP B 24 -9.62 13.61 -21.99
CA TRP B 24 -8.86 12.38 -21.96
C TRP B 24 -9.47 11.33 -21.05
N VAL B 25 -9.85 11.70 -19.80
CA VAL B 25 -10.43 10.75 -18.85
C VAL B 25 -11.75 10.17 -19.42
N ARG B 26 -12.52 10.97 -20.15
CA ARG B 26 -13.75 10.54 -20.79
C ARG B 26 -13.44 9.60 -21.98
N GLU B 27 -12.46 9.96 -22.85
CA GLU B 27 -12.00 9.18 -24.00
C GLU B 27 -11.43 7.80 -23.62
N PHE B 28 -10.75 7.69 -22.46
CA PHE B 28 -10.11 6.45 -21.99
C PHE B 28 -10.96 5.66 -20.99
N ALA B 29 -12.10 6.23 -20.54
CA ALA B 29 -13.02 5.62 -19.58
C ALA B 29 -13.43 4.19 -19.96
N TYR B 30 -13.58 3.30 -18.97
CA TYR B 30 -13.97 1.90 -19.19
C TYR B 30 -15.31 1.83 -19.93
N GLN B 31 -15.30 1.17 -21.09
CA GLN B 31 -16.48 1.03 -21.92
C GLN B 31 -16.61 -0.42 -22.36
N GLY B 32 -17.18 -1.23 -21.47
CA GLY B 32 -17.45 -2.64 -21.74
C GLY B 32 -18.38 -2.80 -22.93
N PHE B 33 -19.21 -1.76 -23.16
CA PHE B 33 -20.21 -1.65 -24.21
C PHE B 33 -20.64 -0.21 -24.37
N ASP B 34 -21.13 0.06 -25.56
CA ASP B 34 -21.71 1.29 -26.07
C ASP B 34 -23.26 1.11 -26.06
N ALA B 35 -24.01 1.94 -25.31
CA ALA B 35 -25.49 1.78 -25.20
C ALA B 35 -26.17 1.84 -26.56
N ARG B 36 -25.68 2.74 -27.42
CA ARG B 36 -26.17 2.94 -28.78
C ARG B 36 -26.02 1.66 -29.58
N ARG B 37 -24.88 0.94 -29.40
CA ARG B 37 -24.62 -0.33 -30.09
C ARG B 37 -25.57 -1.42 -29.52
N VAL B 38 -25.78 -1.44 -28.20
CA VAL B 38 -26.69 -2.39 -27.55
C VAL B 38 -28.12 -2.25 -28.16
N ILE B 39 -28.65 -1.01 -28.22
CA ILE B 39 -29.98 -0.74 -28.77
C ILE B 39 -30.03 -1.12 -30.27
N GLU B 40 -28.95 -0.82 -31.03
CA GLU B 40 -28.79 -1.18 -32.44
C GLU B 40 -28.89 -2.71 -32.60
N LEU B 41 -28.26 -3.48 -31.69
CA LEU B 41 -28.27 -4.93 -31.70
C LEU B 41 -29.64 -5.52 -31.31
N LEU B 42 -30.34 -4.93 -30.32
CA LEU B 42 -31.68 -5.37 -29.89
C LEU B 42 -32.67 -5.25 -31.05
N LYS B 43 -32.67 -4.08 -31.72
CA LYS B 43 -33.52 -3.78 -32.88
C LYS B 43 -33.23 -4.73 -34.01
N GLN B 44 -31.94 -5.01 -34.29
CA GLN B 44 -31.47 -5.93 -35.34
C GLN B 44 -31.94 -7.37 -35.14
N TYR B 45 -31.76 -7.94 -33.92
CA TYR B 45 -32.15 -9.33 -33.61
C TYR B 45 -33.64 -9.50 -33.31
N GLY B 46 -34.22 -8.55 -32.61
CA GLY B 46 -35.61 -8.65 -32.18
C GLY B 46 -36.70 -8.16 -33.11
N GLY B 47 -36.34 -7.22 -33.96
CA GLY B 47 -37.27 -6.61 -34.89
C GLY B 47 -38.32 -5.82 -34.14
N ALA B 48 -39.60 -6.06 -34.47
CA ALA B 48 -40.73 -5.35 -33.87
C ALA B 48 -40.97 -5.73 -32.42
N ASP B 49 -40.49 -6.92 -32.01
CA ASP B 49 -40.65 -7.45 -30.65
C ASP B 49 -39.52 -7.02 -29.70
N TRP B 50 -38.52 -6.26 -30.18
CA TRP B 50 -37.34 -5.87 -29.39
C TRP B 50 -37.71 -5.19 -28.05
N GLU B 51 -38.74 -4.32 -28.02
CA GLU B 51 -39.16 -3.59 -26.82
C GLU B 51 -39.73 -4.50 -25.77
N LYS B 52 -40.67 -5.39 -26.14
CA LYS B 52 -41.29 -6.34 -25.22
C LYS B 52 -40.26 -7.34 -24.66
N ASP B 53 -39.33 -7.82 -25.53
CA ASP B 53 -38.27 -8.74 -25.13
C ASP B 53 -37.28 -8.04 -24.20
N ALA B 54 -37.00 -6.75 -24.45
CA ALA B 54 -36.09 -5.95 -23.63
C ALA B 54 -36.66 -5.77 -22.22
N LYS B 55 -37.99 -5.53 -22.11
CA LYS B 55 -38.71 -5.44 -20.82
C LYS B 55 -38.53 -6.76 -20.04
N LYS B 56 -38.73 -7.91 -20.71
CA LYS B 56 -38.56 -9.26 -20.15
C LYS B 56 -37.13 -9.44 -19.61
N MET B 57 -36.11 -9.08 -20.44
CA MET B 57 -34.69 -9.17 -20.11
C MET B 57 -34.33 -8.24 -18.92
N ILE B 58 -35.02 -7.08 -18.77
CA ILE B 58 -34.79 -6.17 -17.64
C ILE B 58 -35.23 -6.88 -16.34
N VAL B 59 -36.45 -7.46 -16.31
CA VAL B 59 -37.02 -8.25 -15.19
C VAL B 59 -36.08 -9.45 -14.87
N LEU B 60 -35.60 -10.08 -15.92
CA LEU B 60 -34.74 -11.24 -15.83
C LEU B 60 -33.36 -10.84 -15.22
N ALA B 61 -32.81 -9.69 -15.64
CA ALA B 61 -31.51 -9.18 -15.18
C ALA B 61 -31.57 -8.72 -13.72
N LEU B 62 -32.64 -8.00 -13.35
CA LEU B 62 -32.87 -7.41 -12.04
C LEU B 62 -33.20 -8.44 -10.97
N THR B 63 -34.00 -9.46 -11.27
CA THR B 63 -34.42 -10.45 -10.27
C THR B 63 -33.64 -11.79 -10.34
N ARG B 64 -32.92 -12.10 -11.45
CA ARG B 64 -32.23 -13.38 -11.57
C ARG B 64 -30.72 -13.27 -11.83
N GLY B 65 -30.23 -12.13 -12.31
CA GLY B 65 -28.80 -11.96 -12.57
C GLY B 65 -28.37 -11.86 -14.03
N ASN B 66 -27.11 -12.22 -14.30
CA ASN B 66 -26.48 -12.09 -15.61
C ASN B 66 -26.04 -13.43 -16.23
N LYS B 67 -26.38 -14.57 -15.59
CA LYS B 67 -26.01 -15.91 -16.10
C LYS B 67 -27.28 -16.62 -16.62
N PRO B 68 -27.66 -16.36 -17.90
CA PRO B 68 -28.93 -16.91 -18.42
C PRO B 68 -29.07 -18.42 -18.44
N ARG B 69 -28.01 -19.17 -18.77
CA ARG B 69 -28.09 -20.65 -18.83
C ARG B 69 -28.18 -21.25 -17.43
N ARG B 70 -27.56 -20.58 -16.45
CA ARG B 70 -27.56 -21.00 -15.05
C ARG B 70 -28.96 -20.82 -14.44
N MET B 71 -29.54 -19.61 -14.57
CA MET B 71 -30.86 -19.28 -14.03
C MET B 71 -31.98 -20.19 -14.58
N MET B 72 -31.83 -20.60 -15.86
CA MET B 72 -32.73 -21.45 -16.62
C MET B 72 -33.02 -22.78 -15.93
N MET B 73 -32.03 -23.29 -15.16
CA MET B 73 -32.09 -24.57 -14.48
C MET B 73 -32.97 -24.57 -13.23
N LYS B 74 -33.13 -23.41 -12.57
CA LYS B 74 -33.98 -23.29 -11.39
C LYS B 74 -35.06 -22.24 -11.68
N MET B 75 -35.95 -22.61 -12.61
CA MET B 75 -37.03 -21.80 -13.16
C MET B 75 -38.19 -22.69 -13.63
N SER B 76 -39.40 -22.12 -13.80
CA SER B 76 -40.58 -22.83 -14.29
C SER B 76 -40.42 -23.24 -15.75
N LYS B 77 -41.25 -24.19 -16.24
CA LYS B 77 -41.26 -24.70 -17.61
C LYS B 77 -41.40 -23.54 -18.63
N GLU B 78 -42.38 -22.64 -18.39
CA GLU B 78 -42.71 -21.46 -19.20
C GLU B 78 -41.56 -20.47 -19.25
N GLY B 79 -41.00 -20.14 -18.09
CA GLY B 79 -39.87 -19.23 -17.93
C GLY B 79 -38.64 -19.73 -18.66
N LYS B 80 -38.23 -20.98 -18.42
CA LYS B 80 -37.08 -21.65 -19.06
C LYS B 80 -37.18 -21.54 -20.59
N ALA B 81 -38.39 -21.79 -21.14
CA ALA B 81 -38.68 -21.72 -22.57
C ALA B 81 -38.53 -20.27 -23.09
N THR B 82 -38.90 -19.26 -22.27
CA THR B 82 -38.78 -17.82 -22.62
C THR B 82 -37.29 -17.42 -22.62
N VAL B 83 -36.54 -17.83 -21.58
CA VAL B 83 -35.12 -17.53 -21.44
C VAL B 83 -34.32 -18.20 -22.58
N GLU B 84 -34.64 -19.47 -22.94
CA GLU B 84 -33.96 -20.17 -24.02
C GLU B 84 -34.17 -19.47 -25.36
N ALA B 85 -35.41 -18.99 -25.60
CA ALA B 85 -35.79 -18.27 -26.80
C ALA B 85 -35.02 -16.95 -26.90
N LEU B 86 -34.88 -16.22 -25.75
CA LEU B 86 -34.16 -14.94 -25.67
C LEU B 86 -32.68 -15.13 -25.89
N ILE B 87 -32.08 -16.20 -25.31
CA ILE B 87 -30.67 -16.54 -25.46
C ILE B 87 -30.37 -16.73 -26.95
N ASN B 88 -31.22 -17.50 -27.65
CA ASN B 88 -31.02 -17.81 -29.06
C ASN B 88 -31.35 -16.64 -30.00
N LYS B 89 -32.37 -15.79 -29.71
CA LYS B 89 -32.69 -14.66 -30.59
C LYS B 89 -31.64 -13.54 -30.50
N TYR B 90 -31.25 -13.18 -29.27
CA TYR B 90 -30.34 -12.08 -28.98
C TYR B 90 -28.87 -12.52 -28.77
N LYS B 91 -28.58 -13.81 -28.93
CA LYS B 91 -27.24 -14.42 -28.81
C LYS B 91 -26.58 -13.95 -27.48
N LEU B 92 -27.35 -14.08 -26.37
CA LEU B 92 -26.94 -13.65 -25.03
C LEU B 92 -25.74 -14.42 -24.50
N LYS B 93 -24.91 -13.70 -23.73
CA LYS B 93 -23.72 -14.24 -23.08
C LYS B 93 -23.77 -13.97 -21.56
N GLU B 94 -22.81 -14.56 -20.82
CA GLU B 94 -22.64 -14.32 -19.38
C GLU B 94 -21.37 -13.48 -19.22
N GLY B 95 -21.24 -12.80 -18.08
CA GLY B 95 -20.06 -12.02 -17.74
C GLY B 95 -19.80 -10.79 -18.58
N ASN B 96 -18.52 -10.60 -18.98
CA ASN B 96 -18.06 -9.45 -19.75
C ASN B 96 -17.46 -9.88 -21.12
N PRO B 97 -18.30 -10.12 -22.16
CA PRO B 97 -17.76 -10.51 -23.46
C PRO B 97 -17.30 -9.30 -24.28
N SER B 98 -17.06 -9.50 -25.59
CA SER B 98 -16.69 -8.44 -26.52
C SER B 98 -17.80 -7.35 -26.58
N ARG B 99 -17.52 -6.20 -27.19
CA ARG B 99 -18.44 -5.05 -27.22
C ARG B 99 -19.68 -5.24 -28.17
N ASP B 100 -19.59 -6.08 -29.25
CA ASP B 100 -20.72 -6.36 -30.14
C ASP B 100 -21.54 -7.54 -29.60
N GLU B 101 -21.37 -7.84 -28.27
CA GLU B 101 -22.07 -8.93 -27.60
C GLU B 101 -23.04 -8.40 -26.56
N LEU B 102 -24.22 -9.00 -26.49
CA LEU B 102 -25.28 -8.66 -25.55
C LEU B 102 -25.28 -9.59 -24.32
N THR B 103 -25.54 -9.00 -23.14
CA THR B 103 -25.73 -9.66 -21.84
C THR B 103 -26.94 -9.01 -21.19
N LEU B 104 -27.62 -9.73 -20.27
CA LEU B 104 -28.78 -9.21 -19.56
C LEU B 104 -28.45 -7.86 -18.89
N SER B 105 -27.22 -7.74 -18.33
CA SER B 105 -26.72 -6.54 -17.66
C SER B 105 -26.67 -5.36 -18.61
N ARG B 106 -26.04 -5.54 -19.80
CA ARG B 106 -25.90 -4.51 -20.83
C ARG B 106 -27.25 -4.01 -21.34
N VAL B 107 -28.24 -4.89 -21.49
CA VAL B 107 -29.60 -4.55 -21.90
C VAL B 107 -30.21 -3.60 -20.84
N ALA B 108 -30.17 -4.01 -19.55
CA ALA B 108 -30.66 -3.23 -18.41
C ALA B 108 -29.92 -1.89 -18.26
N ALA B 109 -28.62 -1.87 -18.60
CA ALA B 109 -27.78 -0.69 -18.46
C ALA B 109 -28.04 0.33 -19.57
N ALA B 110 -28.25 -0.13 -20.83
CA ALA B 110 -28.50 0.73 -21.99
C ALA B 110 -29.88 1.35 -21.93
N LEU B 111 -30.81 0.68 -21.23
CA LEU B 111 -32.20 1.10 -21.12
C LEU B 111 -32.52 1.48 -19.68
N ALA B 112 -31.58 2.22 -19.04
CA ALA B 112 -31.62 2.66 -17.65
C ALA B 112 -32.94 3.33 -17.27
N GLY B 113 -33.54 4.12 -18.17
CA GLY B 113 -34.81 4.81 -17.97
C GLY B 113 -35.96 3.89 -17.64
N ARG B 114 -36.04 2.71 -18.30
CA ARG B 114 -37.12 1.79 -17.98
C ARG B 114 -36.73 0.89 -16.85
N THR B 115 -35.43 0.47 -16.78
CA THR B 115 -34.92 -0.36 -15.69
C THR B 115 -35.28 0.26 -14.36
N CYS B 116 -34.95 1.55 -14.19
CA CYS B 116 -35.17 2.30 -12.96
C CYS B 116 -36.65 2.46 -12.64
N GLN B 117 -37.50 2.52 -13.67
CA GLN B 117 -38.95 2.64 -13.51
C GLN B 117 -39.56 1.30 -13.06
N ALA B 118 -38.96 0.16 -13.48
CA ALA B 118 -39.42 -1.20 -13.13
C ALA B 118 -39.15 -1.54 -11.64
N LEU B 119 -38.14 -0.88 -11.05
CA LEU B 119 -37.69 -1.10 -9.69
C LEU B 119 -38.79 -0.85 -8.66
N VAL B 120 -39.77 0.02 -8.97
CA VAL B 120 -40.89 0.29 -8.06
C VAL B 120 -41.73 -1.00 -7.89
N VAL B 121 -42.02 -1.69 -8.99
CA VAL B 121 -42.80 -2.94 -9.01
C VAL B 121 -41.96 -4.13 -8.51
N LEU B 122 -40.69 -4.21 -8.96
CA LEU B 122 -39.79 -5.34 -8.68
C LEU B 122 -39.11 -5.30 -7.31
N SER B 123 -39.22 -4.19 -6.59
CA SER B 123 -38.64 -3.91 -5.26
C SER B 123 -38.47 -5.13 -4.32
N GLU B 124 -39.52 -5.94 -4.11
CA GLU B 124 -39.41 -7.06 -3.16
C GLU B 124 -38.88 -8.37 -3.79
N TRP B 125 -38.41 -8.31 -5.04
CA TRP B 125 -37.87 -9.44 -5.76
C TRP B 125 -36.37 -9.26 -6.06
N LEU B 126 -35.79 -8.12 -5.68
CA LEU B 126 -34.37 -7.80 -5.90
C LEU B 126 -33.45 -8.49 -4.87
N PRO B 127 -32.11 -8.65 -5.14
CA PRO B 127 -31.22 -9.25 -4.11
C PRO B 127 -31.31 -8.48 -2.78
N VAL B 128 -31.33 -7.13 -2.83
CA VAL B 128 -31.55 -6.24 -1.68
C VAL B 128 -32.93 -5.62 -1.92
N THR B 129 -33.92 -5.97 -1.08
CA THR B 129 -35.31 -5.49 -1.22
C THR B 129 -35.45 -4.05 -0.76
N GLY B 130 -36.55 -3.41 -1.16
CA GLY B 130 -36.91 -2.05 -0.76
C GLY B 130 -37.13 -1.96 0.73
N THR B 131 -37.75 -3.02 1.32
CA THR B 131 -37.99 -3.19 2.74
C THR B 131 -36.65 -3.15 3.49
N THR B 132 -35.63 -3.90 3.01
CA THR B 132 -34.29 -3.93 3.61
C THR B 132 -33.67 -2.52 3.60
N MET B 133 -33.76 -1.81 2.47
CA MET B 133 -33.26 -0.45 2.29
C MET B 133 -33.94 0.55 3.25
N ASP B 134 -35.28 0.38 3.46
CA ASP B 134 -36.11 1.21 4.34
C ASP B 134 -35.65 1.10 5.80
N GLY B 135 -35.03 -0.03 6.13
CA GLY B 135 -34.45 -0.27 7.45
C GLY B 135 -33.18 0.55 7.68
N LEU B 136 -32.47 0.89 6.58
CA LEU B 136 -31.24 1.68 6.60
C LEU B 136 -31.53 3.18 6.50
N SER B 137 -32.50 3.55 5.64
CA SER B 137 -32.95 4.93 5.43
C SER B 137 -34.44 4.92 5.11
N PRO B 138 -35.32 5.59 5.91
CA PRO B 138 -36.77 5.55 5.62
C PRO B 138 -37.13 5.99 4.20
N ALA B 139 -38.14 5.31 3.63
CA ALA B 139 -38.70 5.53 2.31
C ALA B 139 -37.60 5.69 1.27
N TYR B 140 -36.65 4.72 1.25
CA TYR B 140 -35.52 4.75 0.34
C TYR B 140 -36.01 4.86 -1.14
N PRO B 141 -35.43 5.77 -1.97
CA PRO B 141 -35.90 5.91 -3.37
C PRO B 141 -35.66 4.64 -4.22
N ARG B 142 -36.77 3.95 -4.58
CA ARG B 142 -36.72 2.68 -5.34
C ARG B 142 -36.06 2.83 -6.71
N HIS B 143 -36.15 4.03 -7.33
CA HIS B 143 -35.57 4.29 -8.65
C HIS B 143 -34.04 4.25 -8.66
N MET B 144 -33.41 4.32 -7.47
CA MET B 144 -31.96 4.33 -7.28
C MET B 144 -31.40 2.94 -7.06
N MET B 145 -32.27 1.94 -6.90
CA MET B 145 -31.91 0.56 -6.55
C MET B 145 -31.45 -0.31 -7.73
N HIS B 146 -30.48 0.22 -8.51
CA HIS B 146 -29.82 -0.48 -9.61
C HIS B 146 -28.60 0.30 -10.04
N PRO B 147 -27.46 -0.39 -10.30
CA PRO B 147 -26.26 0.35 -10.74
C PRO B 147 -26.51 1.27 -11.97
N SER B 148 -27.44 0.88 -12.88
CA SER B 148 -27.76 1.65 -14.12
C SER B 148 -28.39 3.03 -13.82
N PHE B 149 -28.79 3.30 -12.56
CA PHE B 149 -29.32 4.59 -12.12
C PHE B 149 -28.30 5.71 -12.37
N ALA B 150 -26.99 5.40 -12.25
CA ALA B 150 -25.90 6.34 -12.44
C ALA B 150 -25.99 7.04 -13.83
N GLY B 151 -26.57 6.34 -14.82
CA GLY B 151 -26.78 6.84 -16.17
C GLY B 151 -27.92 7.83 -16.28
N MET B 152 -28.71 7.98 -15.21
CA MET B 152 -29.86 8.89 -15.09
C MET B 152 -29.46 10.20 -14.38
N VAL B 153 -28.30 10.21 -13.72
CA VAL B 153 -27.75 11.34 -12.97
C VAL B 153 -27.17 12.46 -13.90
N ASP B 154 -27.64 13.73 -13.70
CA ASP B 154 -27.19 14.92 -14.41
C ASP B 154 -25.91 15.45 -13.72
N PRO B 155 -24.73 15.40 -14.40
CA PRO B 155 -23.49 15.87 -13.74
C PRO B 155 -23.38 17.42 -13.65
N SER B 156 -24.25 18.17 -14.36
CA SER B 156 -24.24 19.65 -14.34
C SER B 156 -25.01 20.21 -13.12
N LEU B 157 -25.63 19.30 -12.32
CA LEU B 157 -26.35 19.63 -11.08
C LEU B 157 -25.43 20.33 -10.09
N PRO B 158 -25.93 21.29 -9.24
CA PRO B 158 -25.03 21.91 -8.25
C PRO B 158 -24.37 20.83 -7.40
N GLY B 159 -23.06 20.96 -7.21
CA GLY B 159 -22.21 19.99 -6.51
C GLY B 159 -22.78 19.37 -5.26
N ASP B 160 -23.42 20.20 -4.42
CA ASP B 160 -24.01 19.72 -3.16
C ASP B 160 -25.22 18.83 -3.45
N TYR B 161 -26.05 19.20 -4.45
CA TYR B 161 -27.22 18.42 -4.88
C TYR B 161 -26.77 17.12 -5.55
N LEU B 162 -25.74 17.21 -6.41
CA LEU B 162 -25.14 16.08 -7.14
C LEU B 162 -24.56 15.05 -6.13
N ARG B 163 -23.88 15.52 -5.08
CA ARG B 163 -23.30 14.68 -4.03
C ARG B 163 -24.41 13.98 -3.22
N ALA B 164 -25.55 14.65 -2.95
CA ALA B 164 -26.65 14.03 -2.21
C ALA B 164 -27.24 12.84 -2.99
N ILE B 165 -27.41 13.00 -4.31
CA ILE B 165 -27.93 11.94 -5.20
C ILE B 165 -27.01 10.72 -5.19
N LEU B 166 -25.69 10.94 -5.35
CA LEU B 166 -24.69 9.89 -5.44
C LEU B 166 -24.45 9.19 -4.10
N ASP B 167 -24.45 9.93 -2.97
CA ASP B 167 -24.31 9.31 -1.64
C ASP B 167 -25.56 8.47 -1.33
N ALA B 168 -26.76 8.98 -1.73
CA ALA B 168 -28.04 8.31 -1.56
C ALA B 168 -28.06 7.01 -2.34
N HIS B 169 -27.55 7.02 -3.61
CA HIS B 169 -27.42 5.85 -4.49
C HIS B 169 -26.36 4.87 -3.96
N SER B 170 -25.24 5.41 -3.41
CA SER B 170 -24.12 4.64 -2.86
C SER B 170 -24.52 3.80 -1.65
N LEU B 171 -25.54 4.24 -0.88
CA LEU B 171 -26.06 3.48 0.26
C LEU B 171 -26.57 2.12 -0.23
N TYR B 172 -27.30 2.12 -1.39
CA TYR B 172 -27.79 0.91 -2.05
C TYR B 172 -26.63 0.07 -2.59
N LEU B 173 -25.69 0.73 -3.33
CA LEU B 173 -24.54 0.06 -3.95
C LEU B 173 -23.73 -0.70 -2.93
N LEU B 174 -23.53 -0.11 -1.75
CA LEU B 174 -22.78 -0.69 -0.64
C LEU B 174 -23.40 -2.06 -0.23
N GLN B 175 -24.73 -2.11 -0.10
CA GLN B 175 -25.50 -3.31 0.26
C GLN B 175 -25.47 -4.33 -0.85
N PHE B 176 -25.80 -3.89 -2.07
CA PHE B 176 -25.87 -4.70 -3.28
C PHE B 176 -24.56 -5.44 -3.55
N SER B 177 -23.40 -4.76 -3.47
CA SER B 177 -22.08 -5.33 -3.72
C SER B 177 -21.75 -6.43 -2.71
N ARG B 178 -22.15 -6.26 -1.44
CA ARG B 178 -21.89 -7.22 -0.37
C ARG B 178 -22.73 -8.51 -0.61
N VAL B 179 -23.97 -8.33 -1.07
CA VAL B 179 -24.89 -9.43 -1.37
C VAL B 179 -24.45 -10.17 -2.66
N ILE B 180 -24.17 -9.44 -3.78
CA ILE B 180 -23.80 -10.11 -5.04
C ILE B 180 -22.27 -10.47 -5.13
N ASN B 181 -21.49 -10.19 -4.06
CA ASN B 181 -20.05 -10.53 -3.96
C ASN B 181 -19.77 -10.90 -2.49
N PRO B 182 -19.83 -12.21 -2.15
CA PRO B 182 -19.75 -12.63 -0.73
C PRO B 182 -18.44 -12.35 0.00
N ASN B 183 -17.30 -12.28 -0.72
CA ASN B 183 -16.00 -12.02 -0.09
C ASN B 183 -15.95 -10.59 0.51
N LEU B 184 -16.67 -9.65 -0.13
CA LEU B 184 -16.80 -8.24 0.24
C LEU B 184 -17.55 -8.01 1.58
N ARG B 185 -18.35 -9.01 2.04
CA ARG B 185 -19.15 -8.95 3.27
C ARG B 185 -18.33 -8.60 4.54
N GLY B 186 -17.08 -9.11 4.62
CA GLY B 186 -16.19 -8.85 5.73
C GLY B 186 -15.21 -7.70 5.53
N ARG B 187 -15.37 -6.90 4.46
CA ARG B 187 -14.47 -5.80 4.15
C ARG B 187 -15.13 -4.44 4.42
N THR B 188 -14.30 -3.39 4.48
CA THR B 188 -14.66 -2.02 4.82
C THR B 188 -15.49 -1.35 3.72
N LYS B 189 -16.25 -0.28 4.10
CA LYS B 189 -17.06 0.56 3.22
C LYS B 189 -16.19 1.06 2.06
N GLU B 190 -14.97 1.52 2.37
CA GLU B 190 -13.95 2.03 1.45
C GLU B 190 -13.47 0.96 0.46
N GLU B 191 -13.35 -0.30 0.91
CA GLU B 191 -12.96 -1.43 0.05
C GLU B 191 -14.09 -1.80 -0.89
N VAL B 192 -15.33 -1.83 -0.36
CA VAL B 192 -16.55 -2.16 -1.13
C VAL B 192 -16.82 -1.00 -2.12
N ALA B 193 -16.64 0.26 -1.67
CA ALA B 193 -16.80 1.47 -2.49
C ALA B 193 -15.86 1.46 -3.70
N ALA B 194 -14.62 1.00 -3.47
CA ALA B 194 -13.59 0.91 -4.49
C ALA B 194 -14.02 0.07 -5.67
N THR B 195 -14.93 -0.89 -5.45
CA THR B 195 -15.40 -1.75 -6.54
C THR B 195 -16.55 -1.09 -7.33
N PHE B 196 -17.33 -0.19 -6.71
CA PHE B 196 -18.48 0.41 -7.42
C PHE B 196 -18.34 1.91 -7.82
N THR B 197 -17.32 2.65 -7.36
CA THR B 197 -17.26 4.09 -7.68
C THR B 197 -16.86 4.39 -9.15
N GLN B 198 -15.89 3.63 -9.70
CA GLN B 198 -15.43 3.81 -11.08
C GLN B 198 -16.56 3.56 -12.08
N PRO B 199 -17.36 2.45 -12.03
CA PRO B 199 -18.46 2.30 -13.00
C PRO B 199 -19.53 3.38 -12.84
N MET B 200 -19.78 3.79 -11.57
CA MET B 200 -20.79 4.81 -11.22
C MET B 200 -20.42 6.14 -11.85
N ASN B 201 -19.20 6.61 -11.60
CA ASN B 201 -18.73 7.90 -12.08
C ASN B 201 -18.58 7.93 -13.62
N ALA B 202 -18.35 6.77 -14.24
CA ALA B 202 -18.24 6.68 -15.69
C ALA B 202 -19.60 6.93 -16.33
N ALA B 203 -20.67 6.37 -15.75
CA ALA B 203 -22.02 6.54 -16.27
C ALA B 203 -22.53 7.95 -16.01
N VAL B 204 -22.14 8.53 -14.87
CA VAL B 204 -22.54 9.89 -14.51
C VAL B 204 -21.97 10.86 -15.54
N ASN B 205 -20.73 10.61 -16.02
CA ASN B 205 -20.06 11.49 -16.98
C ASN B 205 -20.00 10.93 -18.43
N SER B 206 -20.93 10.02 -18.80
CA SER B 206 -20.99 9.43 -20.15
C SER B 206 -21.74 10.35 -21.11
N ASN B 207 -21.53 10.14 -22.40
CA ASN B 207 -22.17 10.93 -23.46
C ASN B 207 -23.58 10.41 -23.82
N PHE B 208 -24.02 9.28 -23.22
CA PHE B 208 -25.34 8.73 -23.54
C PHE B 208 -26.42 9.41 -22.68
N ILE B 209 -27.43 10.04 -23.33
CA ILE B 209 -28.58 10.80 -22.79
C ILE B 209 -28.06 12.17 -22.23
N SER B 210 -28.56 13.30 -22.76
CA SER B 210 -28.09 14.64 -22.38
C SER B 210 -28.38 15.01 -20.92
N HIS B 211 -27.67 16.05 -20.42
CA HIS B 211 -27.85 16.61 -19.08
C HIS B 211 -29.30 16.99 -18.84
N GLU B 212 -29.90 17.68 -19.82
CA GLU B 212 -31.27 18.16 -19.83
C GLU B 212 -32.25 17.01 -19.65
N LYS B 213 -32.12 15.92 -20.45
CA LYS B 213 -33.00 14.75 -20.36
C LYS B 213 -32.77 14.02 -19.06
N ARG B 214 -31.50 13.83 -18.67
CA ARG B 214 -31.15 13.14 -17.42
C ARG B 214 -31.85 13.83 -16.23
N ARG B 215 -31.83 15.19 -16.18
CA ARG B 215 -32.50 15.91 -15.10
C ARG B 215 -34.02 15.75 -15.20
N GLU B 216 -34.56 15.63 -16.43
CA GLU B 216 -35.99 15.43 -16.64
C GLU B 216 -36.42 14.05 -16.12
N PHE B 217 -35.51 13.05 -16.14
CA PHE B 217 -35.77 11.74 -15.52
C PHE B 217 -35.77 11.84 -14.00
N LEU B 218 -34.76 12.52 -13.41
CA LEU B 218 -34.65 12.71 -11.95
C LEU B 218 -35.88 13.45 -11.42
N LYS B 219 -36.39 14.45 -12.19
CA LYS B 219 -37.58 15.20 -11.86
C LYS B 219 -38.83 14.29 -11.91
N ALA B 220 -38.94 13.47 -12.98
CA ALA B 220 -40.06 12.54 -13.20
C ALA B 220 -40.12 11.46 -12.13
N PHE B 221 -38.96 10.91 -11.72
CA PHE B 221 -38.84 9.91 -10.67
C PHE B 221 -39.09 10.52 -9.26
N GLY B 222 -39.27 11.84 -9.22
CA GLY B 222 -39.48 12.61 -8.00
C GLY B 222 -38.27 12.70 -7.09
N LEU B 223 -37.06 12.55 -7.66
CA LEU B 223 -35.79 12.57 -6.94
C LEU B 223 -35.26 14.00 -6.73
N VAL B 224 -35.61 14.92 -7.63
CA VAL B 224 -35.22 16.34 -7.53
C VAL B 224 -36.44 17.21 -7.82
N ASP B 225 -36.36 18.49 -7.42
CA ASP B 225 -37.41 19.45 -7.67
C ASP B 225 -37.10 20.21 -8.98
N SER B 226 -37.88 21.27 -9.27
CA SER B 226 -37.77 22.15 -10.44
C SER B 226 -36.36 22.72 -10.64
N ASN B 227 -35.62 22.97 -9.54
CA ASN B 227 -34.28 23.56 -9.60
C ASN B 227 -33.14 22.52 -9.34
N GLY B 228 -33.52 21.25 -9.20
CA GLY B 228 -32.58 20.17 -8.95
C GLY B 228 -32.30 19.84 -7.49
N LYS B 229 -33.08 20.44 -6.56
CA LYS B 229 -32.90 20.19 -5.12
C LYS B 229 -33.42 18.78 -4.79
N PRO B 230 -32.57 17.90 -4.22
CA PRO B 230 -33.01 16.52 -3.93
C PRO B 230 -34.16 16.47 -2.90
N SER B 231 -34.95 15.40 -2.96
CA SER B 231 -36.07 15.14 -2.06
C SER B 231 -35.57 14.79 -0.66
N ALA B 232 -36.47 14.85 0.33
CA ALA B 232 -36.20 14.51 1.72
C ALA B 232 -35.63 13.08 1.86
N ALA B 233 -36.16 12.11 1.06
CA ALA B 233 -35.75 10.71 1.08
C ALA B 233 -34.31 10.55 0.60
N VAL B 234 -33.93 11.33 -0.45
CA VAL B 234 -32.58 11.34 -1.02
C VAL B 234 -31.63 11.95 0.03
N MET B 235 -32.02 13.06 0.65
CA MET B 235 -31.25 13.74 1.68
C MET B 235 -30.98 12.81 2.87
N ALA B 236 -32.03 12.05 3.31
CA ALA B 236 -31.98 11.09 4.40
C ALA B 236 -31.00 9.96 4.06
N ALA B 237 -31.11 9.40 2.81
CA ALA B 237 -30.25 8.34 2.29
C ALA B 237 -28.80 8.78 2.17
N ALA B 238 -28.55 10.05 1.80
CA ALA B 238 -27.19 10.61 1.67
C ALA B 238 -26.48 10.68 3.04
N GLN B 239 -27.24 10.96 4.09
CA GLN B 239 -26.74 11.04 5.45
C GLN B 239 -26.48 9.63 6.01
N ALA B 240 -27.41 8.67 5.72
CA ALA B 240 -27.33 7.30 6.16
C ALA B 240 -26.05 6.65 5.65
N TYR B 241 -25.61 7.02 4.44
CA TYR B 241 -24.38 6.58 3.80
C TYR B 241 -23.13 7.13 4.50
N LYS B 242 -23.20 8.36 5.02
CA LYS B 242 -22.07 9.02 5.70
C LYS B 242 -21.72 8.30 6.99
N THR B 243 -22.73 7.74 7.68
CA THR B 243 -22.54 7.02 8.95
C THR B 243 -22.58 5.50 8.73
N ALA B 244 -22.71 5.05 7.46
CA ALA B 244 -22.80 3.62 7.12
C ALA B 244 -21.48 2.89 7.37
N ALA B 245 -21.58 1.59 7.70
CA ALA B 245 -20.45 0.70 7.94
C ALA B 245 -20.27 -0.29 6.76
N ASN C 3 13.43 -49.73 47.55
CA ASN C 3 14.60 -50.15 46.75
C ASN C 3 15.06 -48.97 45.89
N TYR C 4 14.32 -48.68 44.78
CA TYR C 4 14.57 -47.56 43.85
C TYR C 4 13.95 -46.28 44.41
N GLN C 5 13.00 -46.43 45.34
CA GLN C 5 12.35 -45.33 46.06
C GLN C 5 13.37 -44.69 47.02
N GLU C 6 14.15 -45.53 47.77
CA GLU C 6 15.23 -45.13 48.71
C GLU C 6 16.38 -44.39 47.97
N LEU C 7 16.72 -44.87 46.75
CA LEU C 7 17.76 -44.32 45.88
C LEU C 7 17.32 -42.93 45.35
N ALA C 8 16.01 -42.76 45.07
CA ALA C 8 15.39 -41.51 44.63
C ALA C 8 15.42 -40.42 45.75
N ILE C 9 15.27 -40.85 47.01
CA ILE C 9 15.27 -39.99 48.20
C ILE C 9 16.71 -39.53 48.47
N GLN C 10 17.67 -40.48 48.52
CA GLN C 10 19.09 -40.22 48.76
C GLN C 10 19.71 -39.34 47.66
N PHE C 11 19.23 -39.47 46.40
CA PHE C 11 19.66 -38.64 45.27
C PHE C 11 19.14 -37.19 45.44
N ALA C 12 17.88 -37.04 45.90
CA ALA C 12 17.23 -35.76 46.20
C ALA C 12 17.79 -35.11 47.50
N ALA C 13 18.33 -35.94 48.45
CA ALA C 13 18.92 -35.56 49.76
C ALA C 13 20.20 -34.74 49.58
N GLN C 14 20.89 -34.90 48.43
CA GLN C 14 22.11 -34.16 48.08
C GLN C 14 21.75 -32.69 47.77
N ALA C 15 22.49 -31.73 48.37
CA ALA C 15 22.27 -30.28 48.18
C ALA C 15 22.39 -29.88 46.72
N VAL C 16 21.52 -28.95 46.28
CA VAL C 16 21.50 -28.42 44.92
C VAL C 16 22.78 -27.60 44.68
N ASP C 17 23.59 -28.00 43.65
CA ASP C 17 24.80 -27.24 43.34
C ASP C 17 24.46 -26.15 42.31
N ARG C 18 24.19 -24.93 42.84
CA ARG C 18 23.82 -23.72 42.09
C ARG C 18 24.82 -23.42 40.98
N ASN C 19 26.13 -23.53 41.27
CA ASN C 19 27.16 -23.23 40.27
C ASN C 19 27.28 -24.33 39.22
N GLU C 20 27.10 -25.62 39.59
CA GLU C 20 27.18 -26.74 38.65
C GLU C 20 26.05 -26.68 37.63
N ILE C 21 24.84 -26.34 38.10
CA ILE C 21 23.62 -26.20 37.30
C ILE C 21 23.73 -24.96 36.43
N GLU C 22 24.28 -23.86 36.96
CA GLU C 22 24.42 -22.61 36.23
C GLU C 22 25.43 -22.74 35.08
N GLN C 23 26.47 -23.58 35.24
CA GLN C 23 27.47 -23.87 34.20
C GLN C 23 26.81 -24.65 33.07
N TRP C 24 25.97 -25.65 33.45
CA TRP C 24 25.27 -26.52 32.53
C TRP C 24 24.21 -25.78 31.73
N VAL C 25 23.37 -24.96 32.38
CA VAL C 25 22.32 -24.20 31.70
C VAL C 25 22.96 -23.26 30.63
N ARG C 26 24.17 -22.71 30.92
CA ARG C 26 24.93 -21.87 30.01
C ARG C 26 25.42 -22.71 28.83
N GLU C 27 26.09 -23.81 29.12
CA GLU C 27 26.66 -24.76 28.14
C GLU C 27 25.61 -25.34 27.17
N PHE C 28 24.37 -25.56 27.63
CA PHE C 28 23.29 -26.17 26.84
C PHE C 28 22.32 -25.14 26.25
N ALA C 29 22.48 -23.86 26.59
CA ALA C 29 21.64 -22.76 26.11
C ALA C 29 21.57 -22.69 24.59
N TYR C 30 20.44 -22.17 24.07
CA TYR C 30 20.25 -21.96 22.64
C TYR C 30 21.42 -21.13 22.10
N GLN C 31 21.90 -21.45 20.89
CA GLN C 31 22.97 -20.71 20.27
C GLN C 31 22.65 -20.58 18.78
N GLY C 32 22.38 -19.35 18.34
CA GLY C 32 22.03 -19.05 16.95
C GLY C 32 23.21 -19.16 16.00
N PHE C 33 24.41 -18.85 16.51
CA PHE C 33 25.69 -18.85 15.81
C PHE C 33 26.81 -18.82 16.85
N ASP C 34 28.01 -19.34 16.47
CA ASP C 34 29.21 -19.27 17.29
C ASP C 34 30.03 -18.10 16.75
N ALA C 35 29.97 -16.95 17.43
CA ALA C 35 30.69 -15.71 17.09
C ALA C 35 32.18 -15.95 16.89
N ARG C 36 32.77 -16.78 17.77
CA ARG C 36 34.17 -17.15 17.74
C ARG C 36 34.50 -17.89 16.46
N ARG C 37 33.63 -18.82 16.01
CA ARG C 37 33.84 -19.57 14.77
C ARG C 37 33.74 -18.64 13.56
N VAL C 38 32.78 -17.70 13.58
CA VAL C 38 32.56 -16.70 12.52
C VAL C 38 33.85 -15.89 12.33
N ILE C 39 34.42 -15.32 13.44
CA ILE C 39 35.63 -14.51 13.40
C ILE C 39 36.80 -15.36 12.92
N GLU C 40 36.89 -16.61 13.37
CA GLU C 40 37.91 -17.58 12.97
C GLU C 40 37.86 -17.81 11.46
N LEU C 41 36.64 -17.91 10.89
CA LEU C 41 36.43 -18.11 9.44
C LEU C 41 36.72 -16.84 8.62
N LEU C 42 36.36 -15.65 9.13
CA LEU C 42 36.63 -14.38 8.44
C LEU C 42 38.13 -14.19 8.28
N LYS C 43 38.90 -14.41 9.38
CA LYS C 43 40.36 -14.32 9.43
C LYS C 43 40.99 -15.32 8.47
N GLN C 44 40.46 -16.56 8.43
CA GLN C 44 40.93 -17.65 7.58
C GLN C 44 40.78 -17.35 6.07
N TYR C 45 39.58 -16.90 5.63
CA TYR C 45 39.31 -16.59 4.23
C TYR C 45 39.82 -15.23 3.77
N GLY C 46 39.71 -14.23 4.62
CA GLY C 46 40.07 -12.86 4.29
C GLY C 46 41.51 -12.45 4.49
N GLY C 47 42.16 -13.08 5.45
CA GLY C 47 43.53 -12.76 5.81
C GLY C 47 43.59 -11.38 6.45
N ALA C 48 44.50 -10.56 5.97
CA ALA C 48 44.70 -9.23 6.50
C ALA C 48 43.57 -8.25 6.10
N ASP C 49 42.78 -8.58 5.06
CA ASP C 49 41.66 -7.76 4.56
C ASP C 49 40.33 -8.08 5.25
N TRP C 50 40.32 -9.06 6.17
CA TRP C 50 39.10 -9.53 6.84
C TRP C 50 38.31 -8.38 7.52
N GLU C 51 38.98 -7.41 8.15
CA GLU C 51 38.32 -6.30 8.85
C GLU C 51 37.59 -5.35 7.88
N LYS C 52 38.25 -4.92 6.78
CA LYS C 52 37.65 -4.02 5.80
C LYS C 52 36.47 -4.69 5.08
N ASP C 53 36.62 -6.00 4.76
CA ASP C 53 35.56 -6.78 4.12
C ASP C 53 34.38 -6.98 5.08
N ALA C 54 34.67 -7.15 6.39
CA ALA C 54 33.64 -7.31 7.43
C ALA C 54 32.79 -6.04 7.56
N LYS C 55 33.45 -4.86 7.50
CA LYS C 55 32.77 -3.55 7.53
C LYS C 55 31.78 -3.44 6.33
N LYS C 56 32.25 -3.82 5.13
CA LYS C 56 31.45 -3.84 3.90
C LYS C 56 30.20 -4.75 4.08
N MET C 57 30.43 -5.99 4.61
CA MET C 57 29.40 -7.00 4.86
C MET C 57 28.40 -6.50 5.92
N ILE C 58 28.83 -5.67 6.91
CA ILE C 58 27.94 -5.10 7.94
C ILE C 58 26.93 -4.14 7.24
N VAL C 59 27.43 -3.19 6.40
CA VAL C 59 26.62 -2.26 5.60
C VAL C 59 25.66 -3.05 4.66
N LEU C 60 26.20 -4.11 4.04
CA LEU C 60 25.47 -4.99 3.13
C LEU C 60 24.32 -5.73 3.86
N ALA C 61 24.59 -6.31 5.04
CA ALA C 61 23.56 -7.00 5.79
C ALA C 61 22.48 -5.99 6.27
N LEU C 62 22.89 -4.91 6.95
CA LEU C 62 22.01 -3.93 7.56
C LEU C 62 21.04 -3.23 6.59
N THR C 63 21.53 -2.89 5.39
CA THR C 63 20.71 -2.16 4.41
C THR C 63 20.13 -3.06 3.29
N ARG C 64 20.68 -4.30 3.06
CA ARG C 64 20.20 -5.15 1.97
C ARG C 64 19.68 -6.54 2.39
N GLY C 65 20.06 -7.02 3.56
CA GLY C 65 19.59 -8.33 4.02
C GLY C 65 20.61 -9.45 4.09
N ASN C 66 20.12 -10.72 4.03
CA ASN C 66 20.92 -11.94 4.20
C ASN C 66 21.00 -12.84 2.95
N LYS C 67 20.40 -12.40 1.81
CA LYS C 67 20.40 -13.20 0.56
C LYS C 67 21.33 -12.51 -0.47
N PRO C 68 22.66 -12.81 -0.43
CA PRO C 68 23.62 -12.12 -1.30
C PRO C 68 23.41 -12.23 -2.80
N ARG C 69 23.03 -13.42 -3.33
CA ARG C 69 22.81 -13.57 -4.78
C ARG C 69 21.51 -12.86 -5.23
N ARG C 70 20.52 -12.77 -4.34
CA ARG C 70 19.26 -12.10 -4.59
C ARG C 70 19.45 -10.56 -4.64
N MET C 71 20.14 -9.97 -3.64
CA MET C 71 20.40 -8.52 -3.60
C MET C 71 21.21 -8.03 -4.83
N MET C 72 22.09 -8.90 -5.35
CA MET C 72 22.97 -8.71 -6.50
C MET C 72 22.19 -8.35 -7.77
N MET C 73 20.91 -8.78 -7.88
CA MET C 73 20.02 -8.55 -9.01
C MET C 73 19.46 -7.11 -9.09
N LYS C 74 19.36 -6.41 -7.96
CA LYS C 74 18.89 -5.01 -7.94
C LYS C 74 20.00 -4.18 -7.28
N MET C 75 21.13 -4.07 -8.01
CA MET C 75 22.37 -3.42 -7.57
C MET C 75 23.16 -2.91 -8.78
N SER C 76 24.04 -1.90 -8.53
CA SER C 76 24.91 -1.30 -9.54
C SER C 76 26.01 -2.29 -9.98
N LYS C 77 26.68 -2.01 -11.11
CA LYS C 77 27.77 -2.81 -11.68
C LYS C 77 28.90 -3.01 -10.63
N GLU C 78 29.33 -1.90 -9.98
CA GLU C 78 30.39 -1.82 -8.97
C GLU C 78 30.04 -2.64 -7.73
N GLY C 79 28.82 -2.44 -7.22
CA GLY C 79 28.29 -3.14 -6.05
C GLY C 79 28.23 -4.63 -6.29
N LYS C 80 27.61 -5.01 -7.43
CA LYS C 80 27.47 -6.38 -7.97
C LYS C 80 28.81 -7.10 -7.97
N ALA C 81 29.90 -6.39 -8.35
CA ALA C 81 31.27 -6.91 -8.42
C ALA C 81 31.85 -7.12 -7.02
N THR C 82 31.56 -6.18 -6.09
CA THR C 82 32.03 -6.26 -4.70
C THR C 82 31.36 -7.46 -4.00
N VAL C 83 30.02 -7.58 -4.11
CA VAL C 83 29.23 -8.66 -3.52
C VAL C 83 29.68 -10.02 -4.10
N GLU C 84 29.90 -10.11 -5.43
CA GLU C 84 30.32 -11.35 -6.07
C GLU C 84 31.69 -11.78 -5.56
N ALA C 85 32.61 -10.82 -5.38
CA ALA C 85 33.96 -11.05 -4.83
C ALA C 85 33.88 -11.56 -3.38
N LEU C 86 32.98 -10.96 -2.56
CA LEU C 86 32.79 -11.33 -1.16
C LEU C 86 32.17 -12.71 -1.04
N ILE C 87 31.18 -13.04 -1.91
CA ILE C 87 30.52 -14.35 -1.96
C ILE C 87 31.58 -15.42 -2.20
N ASN C 88 32.47 -15.20 -3.17
CA ASN C 88 33.50 -16.16 -3.54
C ASN C 88 34.68 -16.22 -2.53
N LYS C 89 35.09 -15.10 -1.90
CA LYS C 89 36.19 -15.15 -0.93
C LYS C 89 35.76 -15.85 0.39
N TYR C 90 34.59 -15.45 0.91
CA TYR C 90 34.08 -15.90 2.20
C TYR C 90 33.07 -17.06 2.09
N LYS C 91 32.83 -17.58 0.87
CA LYS C 91 31.92 -18.69 0.58
C LYS C 91 30.56 -18.46 1.29
N LEU C 92 30.00 -17.23 1.10
CA LEU C 92 28.77 -16.77 1.75
C LEU C 92 27.56 -17.60 1.34
N LYS C 93 26.68 -17.86 2.32
CA LYS C 93 25.43 -18.59 2.12
C LYS C 93 24.25 -17.74 2.61
N GLU C 94 23.01 -18.15 2.24
CA GLU C 94 21.79 -17.49 2.70
C GLU C 94 21.16 -18.37 3.81
N GLY C 95 20.27 -17.78 4.60
CA GLY C 95 19.58 -18.49 5.67
C GLY C 95 20.41 -18.93 6.87
N ASN C 96 20.10 -20.11 7.36
CA ASN C 96 20.75 -20.68 8.55
C ASN C 96 21.51 -21.98 8.18
N PRO C 97 22.73 -21.88 7.63
CA PRO C 97 23.49 -23.09 7.28
C PRO C 97 24.26 -23.67 8.48
N SER C 98 25.30 -24.50 8.23
CA SER C 98 26.11 -25.17 9.25
C SER C 98 26.93 -24.19 10.12
N ARG C 99 27.51 -24.70 11.24
CA ARG C 99 28.39 -23.99 12.18
C ARG C 99 29.62 -23.51 11.43
N ASP C 100 29.93 -24.18 10.31
CA ASP C 100 31.15 -23.79 9.62
C ASP C 100 30.88 -22.96 8.36
N GLU C 101 29.70 -22.35 8.28
CA GLU C 101 29.33 -21.50 7.15
C GLU C 101 29.06 -20.08 7.58
N LEU C 102 29.44 -19.13 6.71
CA LEU C 102 29.25 -17.70 6.92
C LEU C 102 28.05 -17.15 6.14
N THR C 103 27.33 -16.23 6.81
CA THR C 103 26.21 -15.45 6.25
C THR C 103 26.42 -14.00 6.66
N LEU C 104 25.87 -13.06 5.86
CA LEU C 104 25.94 -11.63 6.16
C LEU C 104 25.44 -11.33 7.60
N SER C 105 24.36 -12.03 8.03
CA SER C 105 23.75 -11.91 9.35
C SER C 105 24.74 -12.25 10.44
N ARG C 106 25.38 -13.45 10.34
CA ARG C 106 26.34 -13.94 11.29
C ARG C 106 27.53 -13.01 11.46
N VAL C 107 28.03 -12.42 10.34
CA VAL C 107 29.14 -11.47 10.36
C VAL C 107 28.73 -10.23 11.22
N ALA C 108 27.57 -9.63 10.91
CA ALA C 108 27.00 -8.49 11.64
C ALA C 108 26.75 -8.82 13.13
N ALA C 109 26.34 -10.06 13.41
CA ALA C 109 26.00 -10.52 14.75
C ALA C 109 27.23 -10.76 15.61
N ALA C 110 28.30 -11.35 15.04
CA ALA C 110 29.55 -11.65 15.75
C ALA C 110 30.34 -10.37 16.06
N LEU C 111 30.13 -9.31 15.25
CA LEU C 111 30.82 -8.03 15.37
C LEU C 111 29.84 -6.92 15.77
N ALA C 112 28.95 -7.25 16.73
CA ALA C 112 27.86 -6.42 17.25
C ALA C 112 28.30 -5.00 17.66
N GLY C 113 29.49 -4.86 18.25
CA GLY C 113 30.02 -3.58 18.72
C GLY C 113 30.14 -2.56 17.61
N ARG C 114 30.70 -3.00 16.45
CA ARG C 114 30.83 -2.15 15.26
C ARG C 114 29.46 -1.96 14.60
N THR C 115 28.70 -3.05 14.38
CA THR C 115 27.37 -3.03 13.74
C THR C 115 26.50 -1.94 14.37
N CYS C 116 26.35 -1.96 15.72
CA CYS C 116 25.51 -1.04 16.48
C CYS C 116 25.95 0.40 16.38
N GLN C 117 27.25 0.61 16.20
CA GLN C 117 27.83 1.93 16.03
C GLN C 117 27.50 2.50 14.62
N ALA C 118 27.39 1.63 13.60
CA ALA C 118 27.08 1.99 12.19
C ALA C 118 25.62 2.47 12.01
N LEU C 119 24.70 1.99 12.88
CA LEU C 119 23.27 2.29 12.87
C LEU C 119 23.00 3.77 12.92
N VAL C 120 23.84 4.55 13.63
CA VAL C 120 23.66 6.00 13.72
C VAL C 120 23.70 6.63 12.30
N VAL C 121 24.67 6.23 11.47
CA VAL C 121 24.86 6.70 10.09
C VAL C 121 23.84 6.07 9.14
N LEU C 122 23.59 4.76 9.28
CA LEU C 122 22.73 3.97 8.38
C LEU C 122 21.22 4.11 8.66
N SER C 123 20.84 4.73 9.80
CA SER C 123 19.46 4.97 10.31
C SER C 123 18.35 5.13 9.23
N GLU C 124 18.54 5.99 8.24
CA GLU C 124 17.46 6.24 7.27
C GLU C 124 17.50 5.28 6.06
N TRP C 125 18.39 4.27 6.11
CA TRP C 125 18.56 3.29 5.03
C TRP C 125 18.18 1.88 5.46
N LEU C 126 17.71 1.76 6.69
CA LEU C 126 17.30 0.51 7.29
C LEU C 126 15.84 0.17 6.89
N PRO C 127 15.38 -1.11 7.00
CA PRO C 127 13.97 -1.42 6.69
C PRO C 127 12.99 -0.57 7.54
N VAL C 128 13.31 -0.38 8.84
CA VAL C 128 12.57 0.50 9.77
C VAL C 128 13.52 1.65 10.10
N THR C 129 13.20 2.87 9.64
CA THR C 129 14.06 4.04 9.83
C THR C 129 13.98 4.61 11.24
N GLY C 130 14.98 5.44 11.60
CA GLY C 130 15.06 6.13 12.88
C GLY C 130 13.89 7.09 13.07
N THR C 131 13.52 7.76 11.97
CA THR C 131 12.39 8.67 11.87
C THR C 131 11.09 7.92 12.25
N THR C 132 10.87 6.71 11.68
CA THR C 132 9.71 5.85 11.96
C THR C 132 9.67 5.51 13.46
N MET C 133 10.81 5.11 14.04
CA MET C 133 10.94 4.75 15.45
C MET C 133 10.62 5.93 16.37
N ASP C 134 11.08 7.16 15.99
CA ASP C 134 10.85 8.41 16.73
C ASP C 134 9.36 8.75 16.85
N GLY C 135 8.57 8.26 15.88
CA GLY C 135 7.12 8.38 15.86
C GLY C 135 6.45 7.49 16.89
N LEU C 136 7.11 6.40 17.28
CA LEU C 136 6.64 5.43 18.28
C LEU C 136 7.11 5.80 19.67
N SER C 137 8.37 6.25 19.78
CA SER C 137 8.99 6.66 21.03
C SER C 137 10.00 7.78 20.74
N PRO C 138 9.87 8.98 21.36
CA PRO C 138 10.80 10.10 21.05
C PRO C 138 12.26 9.74 21.21
N ALA C 139 13.13 10.29 20.31
CA ALA C 139 14.58 10.10 20.26
C ALA C 139 14.96 8.65 20.52
N TYR C 140 14.35 7.72 19.76
CA TYR C 140 14.58 6.29 19.92
C TYR C 140 16.09 5.99 19.80
N PRO C 141 16.68 5.19 20.75
CA PRO C 141 18.13 4.90 20.67
C PRO C 141 18.53 4.13 19.39
N ARG C 142 19.28 4.82 18.47
CA ARG C 142 19.70 4.22 17.18
C ARG C 142 20.59 3.00 17.35
N HIS C 143 21.38 2.92 18.43
CA HIS C 143 22.29 1.79 18.70
C HIS C 143 21.55 0.49 18.96
N MET C 144 20.23 0.56 19.26
CA MET C 144 19.36 -0.58 19.56
C MET C 144 18.67 -1.14 18.32
N MET C 145 18.78 -0.44 17.17
CA MET C 145 18.08 -0.75 15.92
C MET C 145 18.75 -1.85 15.06
N HIS C 146 19.05 -3.00 15.71
CA HIS C 146 19.56 -4.21 15.07
C HIS C 146 19.46 -5.37 16.05
N PRO C 147 19.04 -6.57 15.60
CA PRO C 147 18.96 -7.72 16.51
C PRO C 147 20.27 -8.00 17.26
N SER C 148 21.45 -7.69 16.64
CA SER C 148 22.77 -7.93 17.23
C SER C 148 23.06 -7.05 18.47
N PHE C 149 22.20 -6.04 18.75
CA PHE C 149 22.29 -5.19 19.93
C PHE C 149 22.20 -6.04 21.21
N ALA C 150 21.42 -7.14 21.19
CA ALA C 150 21.25 -8.06 22.30
C ALA C 150 22.62 -8.59 22.78
N GLY C 151 23.56 -8.68 21.85
CA GLY C 151 24.93 -9.08 22.08
C GLY C 151 25.76 -8.11 22.89
N MET C 152 25.24 -6.89 23.14
CA MET C 152 25.92 -5.82 23.91
C MET C 152 25.32 -5.63 25.31
N VAL C 153 24.14 -6.21 25.57
CA VAL C 153 23.42 -6.11 26.84
C VAL C 153 24.15 -6.87 27.96
N ASP C 154 24.41 -6.19 29.08
CA ASP C 154 25.04 -6.80 30.25
C ASP C 154 23.93 -7.53 31.07
N PRO C 155 23.97 -8.88 31.17
CA PRO C 155 22.91 -9.57 31.92
C PRO C 155 23.02 -9.44 33.45
N SER C 156 24.17 -8.96 33.99
CA SER C 156 24.40 -8.76 35.43
C SER C 156 23.76 -7.43 35.92
N LEU C 157 23.20 -6.62 34.98
CA LEU C 157 22.49 -5.36 35.27
C LEU C 157 21.31 -5.60 36.19
N PRO C 158 20.95 -4.65 37.11
CA PRO C 158 19.76 -4.88 37.96
C PRO C 158 18.54 -5.17 37.09
N GLY C 159 17.77 -6.20 37.46
CA GLY C 159 16.61 -6.71 36.73
C GLY C 159 15.69 -5.68 36.12
N ASP C 160 15.37 -4.63 36.87
CA ASP C 160 14.49 -3.57 36.40
C ASP C 160 15.16 -2.76 35.30
N TYR C 161 16.49 -2.48 35.42
CA TYR C 161 17.29 -1.77 34.41
C TYR C 161 17.44 -2.64 33.15
N LEU C 162 17.74 -3.95 33.36
CA LEU C 162 17.92 -4.95 32.31
C LEU C 162 16.61 -5.11 31.49
N ARG C 163 15.44 -5.18 32.18
CA ARG C 163 14.11 -5.30 31.53
C ARG C 163 13.77 -4.10 30.65
N ALA C 164 14.10 -2.87 31.12
CA ALA C 164 13.86 -1.62 30.41
C ALA C 164 14.66 -1.57 29.12
N ILE C 165 15.96 -2.02 29.12
CA ILE C 165 16.82 -2.09 27.93
C ILE C 165 16.19 -3.03 26.88
N LEU C 166 15.75 -4.21 27.33
CA LEU C 166 15.21 -5.25 26.46
C LEU C 166 13.83 -4.90 25.94
N ASP C 167 12.95 -4.25 26.75
CA ASP C 167 11.62 -3.82 26.28
C ASP C 167 11.80 -2.70 25.25
N ALA C 168 12.76 -1.78 25.51
CA ALA C 168 13.09 -0.71 24.57
C ALA C 168 13.50 -1.34 23.24
N HIS C 169 14.50 -2.26 23.28
CA HIS C 169 15.00 -2.96 22.09
C HIS C 169 13.88 -3.73 21.39
N SER C 170 12.97 -4.35 22.16
CA SER C 170 11.84 -5.13 21.65
C SER C 170 10.85 -4.29 20.85
N LEU C 171 10.74 -2.97 21.15
CA LEU C 171 9.88 -2.06 20.40
C LEU C 171 10.35 -2.03 18.93
N TYR C 172 11.68 -1.98 18.71
CA TYR C 172 12.29 -2.04 17.39
C TYR C 172 12.07 -3.42 16.76
N LEU C 173 12.39 -4.50 17.51
CA LEU C 173 12.28 -5.89 17.04
C LEU C 173 10.89 -6.20 16.52
N LEU C 174 9.86 -5.71 17.21
CA LEU C 174 8.45 -5.87 16.84
C LEU C 174 8.20 -5.30 15.43
N GLN C 175 8.71 -4.09 15.15
CA GLN C 175 8.57 -3.42 13.85
C GLN C 175 9.37 -4.14 12.78
N PHE C 176 10.65 -4.40 13.07
CA PHE C 176 11.60 -5.04 12.18
C PHE C 176 11.12 -6.39 11.68
N SER C 177 10.62 -7.26 12.59
CA SER C 177 10.13 -8.60 12.25
C SER C 177 8.92 -8.57 11.32
N ARG C 178 8.03 -7.58 11.47
CA ARG C 178 6.86 -7.47 10.60
C ARG C 178 7.27 -7.03 9.19
N VAL C 179 8.34 -6.22 9.08
CA VAL C 179 8.84 -5.72 7.79
C VAL C 179 9.72 -6.76 7.09
N ILE C 180 10.74 -7.32 7.77
CA ILE C 180 11.65 -8.26 7.11
C ILE C 180 11.03 -9.64 6.95
N ASN C 181 10.03 -10.03 7.80
CA ASN C 181 9.38 -11.35 7.66
C ASN C 181 7.89 -11.23 7.30
N PRO C 182 7.55 -11.49 6.03
CA PRO C 182 6.15 -11.37 5.59
C PRO C 182 5.17 -12.33 6.29
N ASN C 183 5.63 -13.48 6.80
CA ASN C 183 4.68 -14.38 7.43
C ASN C 183 4.44 -14.02 8.92
N LEU C 184 4.99 -12.88 9.41
CA LEU C 184 4.77 -12.40 10.78
C LEU C 184 3.94 -11.12 10.81
N ARG C 185 3.50 -10.65 9.63
CA ARG C 185 2.80 -9.38 9.43
C ARG C 185 1.38 -9.31 10.05
N GLY C 186 0.60 -10.38 9.95
CA GLY C 186 -0.75 -10.41 10.48
C GLY C 186 -0.87 -10.90 11.92
N ARG C 187 0.23 -11.42 12.48
CA ARG C 187 0.28 -11.99 13.84
C ARG C 187 0.31 -10.88 14.90
N THR C 188 -0.08 -11.19 16.17
CA THR C 188 -0.14 -10.22 17.28
C THR C 188 1.26 -9.86 17.80
N LYS C 189 1.33 -8.97 18.80
CA LYS C 189 2.59 -8.59 19.45
C LYS C 189 3.22 -9.82 20.14
N GLU C 190 2.40 -10.59 20.89
CA GLU C 190 2.75 -11.79 21.64
C GLU C 190 3.26 -12.89 20.71
N GLU C 191 2.64 -13.03 19.51
CA GLU C 191 3.01 -14.03 18.51
C GLU C 191 4.33 -13.67 17.86
N VAL C 192 4.57 -12.36 17.56
CA VAL C 192 5.82 -11.88 16.94
C VAL C 192 6.96 -11.98 17.98
N ALA C 193 6.68 -11.56 19.23
CA ALA C 193 7.62 -11.58 20.36
C ALA C 193 8.11 -12.98 20.64
N ALA C 194 7.23 -13.99 20.46
CA ALA C 194 7.51 -15.40 20.63
C ALA C 194 8.58 -15.86 19.66
N THR C 195 8.68 -15.26 18.48
CA THR C 195 9.70 -15.69 17.52
C THR C 195 11.02 -14.96 17.75
N PHE C 196 11.02 -13.74 18.35
CA PHE C 196 12.28 -12.99 18.51
C PHE C 196 12.91 -12.99 19.93
N THR C 197 12.18 -13.47 20.98
CA THR C 197 12.74 -13.44 22.35
C THR C 197 13.86 -14.47 22.56
N GLN C 198 13.73 -15.71 22.04
CA GLN C 198 14.73 -16.77 22.19
C GLN C 198 16.10 -16.36 21.56
N PRO C 199 16.20 -15.86 20.31
CA PRO C 199 17.52 -15.42 19.81
C PRO C 199 18.08 -14.21 20.58
N MET C 200 17.19 -13.30 21.03
CA MET C 200 17.56 -12.11 21.79
C MET C 200 18.19 -12.51 23.14
N ASN C 201 17.48 -13.35 23.90
CA ASN C 201 17.91 -13.80 25.22
C ASN C 201 19.16 -14.68 25.15
N ALA C 202 19.41 -15.36 24.00
CA ALA C 202 20.61 -16.19 23.81
C ALA C 202 21.84 -15.29 23.76
N ALA C 203 21.74 -14.18 22.99
CA ALA C 203 22.81 -13.18 22.82
C ALA C 203 23.08 -12.43 24.11
N VAL C 204 22.03 -12.20 24.91
CA VAL C 204 22.14 -11.49 26.18
C VAL C 204 22.90 -12.34 27.17
N ASN C 205 22.66 -13.68 27.17
CA ASN C 205 23.28 -14.61 28.11
C ASN C 205 24.42 -15.47 27.49
N SER C 206 25.04 -15.02 26.39
CA SER C 206 26.16 -15.72 25.78
C SER C 206 27.46 -15.37 26.51
N ASN C 207 28.48 -16.21 26.35
CA ASN C 207 29.79 -16.00 26.98
C ASN C 207 30.71 -15.11 26.11
N PHE C 208 30.24 -14.70 24.92
CA PHE C 208 31.05 -13.87 24.03
C PHE C 208 30.94 -12.41 24.44
N ILE C 209 32.09 -11.82 24.85
CA ILE C 209 32.29 -10.44 25.35
C ILE C 209 31.68 -10.36 26.77
N SER C 210 32.56 -10.24 27.77
CA SER C 210 32.23 -10.19 29.19
C SER C 210 31.29 -9.03 29.56
N HIS C 211 30.67 -9.18 30.74
CA HIS C 211 29.70 -8.29 31.37
C HIS C 211 30.23 -6.88 31.47
N GLU C 212 31.48 -6.75 31.94
CA GLU C 212 32.22 -5.50 32.14
C GLU C 212 32.34 -4.74 30.82
N LYS C 213 32.84 -5.42 29.75
CA LYS C 213 33.00 -4.84 28.41
C LYS C 213 31.66 -4.44 27.83
N ARG C 214 30.63 -5.30 28.01
CA ARG C 214 29.27 -5.08 27.53
C ARG C 214 28.63 -3.83 28.19
N ARG C 215 28.81 -3.61 29.50
CA ARG C 215 28.29 -2.42 30.17
C ARG C 215 29.10 -1.16 29.73
N GLU C 216 30.40 -1.32 29.43
CA GLU C 216 31.27 -0.25 28.93
C GLU C 216 30.70 0.29 27.61
N PHE C 217 30.23 -0.63 26.73
CA PHE C 217 29.58 -0.31 25.44
C PHE C 217 28.27 0.44 25.65
N LEU C 218 27.39 -0.06 26.56
CA LEU C 218 26.10 0.57 26.87
C LEU C 218 26.31 1.98 27.39
N LYS C 219 27.37 2.18 28.21
CA LYS C 219 27.75 3.49 28.76
C LYS C 219 28.21 4.42 27.62
N ALA C 220 29.09 3.90 26.72
CA ALA C 220 29.65 4.63 25.58
C ALA C 220 28.57 5.06 24.58
N PHE C 221 27.61 4.15 24.27
CA PHE C 221 26.48 4.41 23.39
C PHE C 221 25.45 5.37 24.04
N GLY C 222 25.68 5.73 25.32
CA GLY C 222 24.82 6.61 26.12
C GLY C 222 23.49 6.00 26.52
N LEU C 223 23.42 4.66 26.56
CA LEU C 223 22.21 3.91 26.88
C LEU C 223 21.99 3.74 28.41
N VAL C 224 23.08 3.72 29.18
CA VAL C 224 23.04 3.61 30.64
C VAL C 224 23.97 4.66 31.26
N ASP C 225 23.78 4.95 32.56
CA ASP C 225 24.64 5.86 33.28
C ASP C 225 25.76 5.07 34.00
N SER C 226 26.52 5.75 34.86
CA SER C 226 27.63 5.22 35.65
C SER C 226 27.26 3.96 36.47
N ASN C 227 25.99 3.85 36.93
CA ASN C 227 25.53 2.73 37.75
C ASN C 227 24.62 1.74 36.97
N GLY C 228 24.47 1.98 35.66
CA GLY C 228 23.65 1.13 34.80
C GLY C 228 22.21 1.54 34.66
N LYS C 229 21.83 2.73 35.16
CA LYS C 229 20.46 3.23 35.05
C LYS C 229 20.20 3.65 33.60
N PRO C 230 19.18 3.06 32.93
CA PRO C 230 18.91 3.42 31.54
C PRO C 230 18.52 4.89 31.36
N SER C 231 18.77 5.42 30.15
CA SER C 231 18.45 6.79 29.80
C SER C 231 16.94 6.98 29.68
N ALA C 232 16.48 8.24 29.70
CA ALA C 232 15.09 8.63 29.55
C ALA C 232 14.49 8.07 28.26
N ALA C 233 15.27 8.06 27.14
CA ALA C 233 14.87 7.55 25.83
C ALA C 233 14.59 6.05 25.89
N VAL C 234 15.43 5.29 26.61
CA VAL C 234 15.30 3.84 26.79
C VAL C 234 14.04 3.58 27.63
N MET C 235 13.88 4.33 28.72
CA MET C 235 12.72 4.23 29.62
C MET C 235 11.41 4.47 28.86
N ALA C 236 11.40 5.51 27.99
CA ALA C 236 10.28 5.91 27.16
C ALA C 236 9.91 4.80 26.20
N ALA C 237 10.90 4.19 25.51
CA ALA C 237 10.72 3.11 24.54
C ALA C 237 10.21 1.83 25.19
N ALA C 238 10.66 1.54 26.43
CA ALA C 238 10.24 0.35 27.18
C ALA C 238 8.78 0.42 27.49
N GLN C 239 8.29 1.65 27.81
CA GLN C 239 6.88 1.92 28.09
C GLN C 239 6.06 1.84 26.80
N ALA C 240 6.59 2.41 25.68
CA ALA C 240 5.96 2.42 24.36
C ALA C 240 5.69 0.99 23.90
N TYR C 241 6.61 0.07 24.24
CA TYR C 241 6.49 -1.35 23.96
C TYR C 241 5.37 -2.01 24.77
N LYS C 242 5.12 -1.56 26.01
CA LYS C 242 4.09 -2.13 26.91
C LYS C 242 2.69 -1.85 26.36
N THR C 243 2.49 -0.71 25.69
CA THR C 243 1.22 -0.29 25.12
C THR C 243 1.20 -0.50 23.58
N ALA C 244 2.28 -1.09 23.02
CA ALA C 244 2.42 -1.34 21.58
C ALA C 244 1.46 -2.42 21.10
N ALA C 245 1.06 -2.32 19.81
CA ALA C 245 0.15 -3.26 19.16
C ALA C 245 0.93 -4.15 18.14
#